data_1QKG
# 
_entry.id   1QKG 
# 
_audit_conform.dict_name       mmcif_pdbx.dic 
_audit_conform.dict_version    5.394 
_audit_conform.dict_location   http://mmcif.pdb.org/dictionaries/ascii/mmcif_pdbx.dic 
# 
loop_
_database_2.database_id 
_database_2.database_code 
_database_2.pdbx_database_accession 
_database_2.pdbx_DOI 
PDB   1QKG         pdb_00001qkg 10.2210/pdb1qkg/pdb 
PDBE  EBI-2961     ?            ?                   
WWPDB D_1290002961 ?            ?                   
BMRB  4409         ?            10.13018/BMR4409    
# 
loop_
_pdbx_audit_revision_history.ordinal 
_pdbx_audit_revision_history.data_content_type 
_pdbx_audit_revision_history.major_revision 
_pdbx_audit_revision_history.minor_revision 
_pdbx_audit_revision_history.revision_date 
1 'Structure model' 1 0 2000-05-11 
2 'Structure model' 1 1 2011-05-08 
3 'Structure model' 1 2 2011-07-13 
4 'Structure model' 1 3 2020-01-15 
5 'Structure model' 1 4 2023-06-14 
6 'Structure model' 1 5 2024-06-19 
# 
_pdbx_audit_revision_details.ordinal             1 
_pdbx_audit_revision_details.revision_ordinal    1 
_pdbx_audit_revision_details.data_content_type   'Structure model' 
_pdbx_audit_revision_details.provider            repository 
_pdbx_audit_revision_details.type                'Initial release' 
_pdbx_audit_revision_details.description         ? 
_pdbx_audit_revision_details.details             ? 
# 
loop_
_pdbx_audit_revision_group.ordinal 
_pdbx_audit_revision_group.revision_ordinal 
_pdbx_audit_revision_group.data_content_type 
_pdbx_audit_revision_group.group 
1 2 'Structure model' 'Version format compliance' 
2 3 'Structure model' 'Version format compliance' 
3 4 'Structure model' 'Derived calculations'      
4 4 'Structure model' Other                       
5 5 'Structure model' 'Database references'       
6 5 'Structure model' Other                       
7 6 'Structure model' 'Data collection'           
8 6 'Structure model' 'Database references'       
# 
loop_
_pdbx_audit_revision_category.ordinal 
_pdbx_audit_revision_category.revision_ordinal 
_pdbx_audit_revision_category.data_content_type 
_pdbx_audit_revision_category.category 
1 4 'Structure model' pdbx_database_status 
2 4 'Structure model' struct_conn          
3 5 'Structure model' database_2           
4 5 'Structure model' pdbx_database_status 
5 6 'Structure model' chem_comp_atom       
6 6 'Structure model' chem_comp_bond       
7 6 'Structure model' database_2           
# 
loop_
_pdbx_audit_revision_item.ordinal 
_pdbx_audit_revision_item.revision_ordinal 
_pdbx_audit_revision_item.data_content_type 
_pdbx_audit_revision_item.item 
1 4 'Structure model' '_pdbx_database_status.status_code_cs'       
2 4 'Structure model' '_pdbx_database_status.status_code_mr'       
3 4 'Structure model' '_struct_conn.pdbx_leaving_atom_flag'        
4 5 'Structure model' '_database_2.pdbx_DOI'                       
5 5 'Structure model' '_database_2.pdbx_database_accession'        
6 5 'Structure model' '_pdbx_database_status.status_code_nmr_data' 
7 6 'Structure model' '_database_2.pdbx_DOI'                       
# 
_pdbx_database_status.status_code                     REL 
_pdbx_database_status.entry_id                        1QKG 
_pdbx_database_status.deposit_site                    PDBE 
_pdbx_database_status.process_site                    PDBE 
_pdbx_database_status.SG_entry                        . 
_pdbx_database_status.recvd_initial_deposition_date   1999-07-20 
_pdbx_database_status.pdb_format_compatible           Y 
_pdbx_database_status.status_code_sf                  ? 
_pdbx_database_status.status_code_mr                  REL 
_pdbx_database_status.status_code_cs                  REL 
_pdbx_database_status.methods_development_category    ? 
_pdbx_database_status.status_code_nmr_data            REL 
# 
loop_
_pdbx_database_related.db_name 
_pdbx_database_related.db_id 
_pdbx_database_related.content_type 
_pdbx_database_related.details 
PDB  1CFL unspecified 'DNA DECAMER DUPLEX CONTAINING T5-T6 PHOTOADDUCT' 
BMRB 4409 unspecified .                                                 
# 
loop_
_audit_author.name 
_audit_author.pdbx_ordinal 
'Lee, J.-H.'  1 
'Bae, S.-H.'  2 
'Choi, Y.-J.' 3 
'Choi, B.-S.' 4 
# 
_citation.id                        primary 
_citation.title                     
;The Dewar Photoproduct of Thymidylyl(3'-->5')-Thymidine (Dewar Product) Exhibits Mutagenic Behavior in Accordance with the "A Rule".
;
_citation.journal_abbrev            Proc.Natl.Acad.Sci.USA 
_citation.journal_volume            97 
_citation.page_first                4591 
_citation.page_last                 ? 
_citation.year                      2000 
_citation.journal_id_ASTM           PNASA6 
_citation.country                   US 
_citation.journal_id_ISSN           0027-8424 
_citation.journal_id_CSD            0040 
_citation.book_publisher            ? 
_citation.pdbx_database_id_PubMed   10758155 
_citation.pdbx_database_id_DOI      10.1073/PNAS.080057097 
# 
loop_
_citation_author.citation_id 
_citation_author.name 
_citation_author.ordinal 
_citation_author.identifier_ORCID 
primary 'Lee, J.-H.'  1 ? 
primary 'Bae, S.-H.'  2 ? 
primary 'Choi, B.-S.' 3 ? 
# 
loop_
_entity.id 
_entity.type 
_entity.src_method 
_entity.pdbx_description 
_entity.formula_weight 
_entity.pdbx_number_of_molecules 
_entity.pdbx_ec 
_entity.pdbx_mutation 
_entity.pdbx_fragment 
_entity.details 
1 polymer syn 
;DNA (5'-D(*CP*GP*CP*AP*(HYD)TP*+TP*AP*CP*GP*C)-3')
;
3009.014 1 ? ? ? 'BOND FORMED BETWEEN C6(T5) AND C4(T6) BOND FORMED BETWEEN N3(T6) AND C6(T6)' 
2 polymer syn 
;DNA (5'-D(*GP*CP*GP*TP*GP*AP*TP*GP*CP*G)-3')
;
3101.028 1 ? ? ? ?                                                                             
# 
loop_
_entity_poly.entity_id 
_entity_poly.type 
_entity_poly.nstd_linkage 
_entity_poly.nstd_monomer 
_entity_poly.pdbx_seq_one_letter_code 
_entity_poly.pdbx_seq_one_letter_code_can 
_entity_poly.pdbx_strand_id 
_entity_poly.pdbx_target_identifier 
1 polydeoxyribonucleotide no yes '(DC)(DG)(DC)(DA)(64T)(TA3)(DA)(DC)(DG)(DC)' CGCATTACGC A ? 
2 polydeoxyribonucleotide no no  '(DG)(DC)(DG)(DT)(DG)(DA)(DT)(DG)(DC)(DG)'   GCGTGATGCG B ? 
# 
loop_
_entity_poly_seq.entity_id 
_entity_poly_seq.num 
_entity_poly_seq.mon_id 
_entity_poly_seq.hetero 
1 1  DC  n 
1 2  DG  n 
1 3  DC  n 
1 4  DA  n 
1 5  64T n 
1 6  TA3 n 
1 7  DA  n 
1 8  DC  n 
1 9  DG  n 
1 10 DC  n 
2 1  DG  n 
2 2  DC  n 
2 3  DG  n 
2 4  DT  n 
2 5  DG  n 
2 6  DA  n 
2 7  DT  n 
2 8  DG  n 
2 9  DC  n 
2 10 DG  n 
# 
loop_
_chem_comp.id 
_chem_comp.type 
_chem_comp.mon_nstd_flag 
_chem_comp.name 
_chem_comp.pdbx_synonyms 
_chem_comp.formula 
_chem_comp.formula_weight 
64T 'DNA linking' n "5-HYDROXY-THYMIDINE-5'-MONOPHOSPHATE"                                                                        
? 'C10 H17 N2 O9 P' 340.224 
DA  'DNA linking' y "2'-DEOXYADENOSINE-5'-MONOPHOSPHATE"                                                                          
? 'C10 H14 N5 O6 P' 331.222 
DC  'DNA linking' y "2'-DEOXYCYTIDINE-5'-MONOPHOSPHATE"                                                                           
? 'C9 H14 N3 O7 P'  307.197 
DG  'DNA linking' y "2'-DEOXYGUANOSINE-5'-MONOPHOSPHATE"                                                                          
? 'C10 H14 N5 O7 P' 347.221 
DT  'DNA linking' y "THYMIDINE-5'-MONOPHOSPHATE"                                                                                  
? 'C10 H15 N2 O8 P' 322.208 
TA3 'DNA linking' n '(4S,5R)-3-(2-DEOXY-5-O-PHOSPHONO-BETA-D-ERYTHRO-PENTOFURANOSYL)-5-METHYL-1,3-DIAZABICYCLO[2.2.0]HEXAN-2-ONE' 
? 'C10 H17 N2 O7 P' 308.225 
# 
loop_
_pdbx_poly_seq_scheme.asym_id 
_pdbx_poly_seq_scheme.entity_id 
_pdbx_poly_seq_scheme.seq_id 
_pdbx_poly_seq_scheme.mon_id 
_pdbx_poly_seq_scheme.ndb_seq_num 
_pdbx_poly_seq_scheme.pdb_seq_num 
_pdbx_poly_seq_scheme.auth_seq_num 
_pdbx_poly_seq_scheme.pdb_mon_id 
_pdbx_poly_seq_scheme.auth_mon_id 
_pdbx_poly_seq_scheme.pdb_strand_id 
_pdbx_poly_seq_scheme.pdb_ins_code 
_pdbx_poly_seq_scheme.hetero 
A 1 1  DC  1  1  1  DC  DC  A . n 
A 1 2  DG  2  2  2  DG  DG  A . n 
A 1 3  DC  3  3  3  DC  DC  A . n 
A 1 4  DA  4  4  4  DA  DA  A . n 
A 1 5  64T 5  5  5  64T 64T A . n 
A 1 6  TA3 6  6  6  TA3 TA3 A . n 
A 1 7  DA  7  7  7  DA  DA  A . n 
A 1 8  DC  8  8  8  DC  DC  A . n 
A 1 9  DG  9  9  9  DG  DG  A . n 
A 1 10 DC  10 10 10 DC  DC  A . n 
B 2 1  DG  1  11 11 DG  DG  B . n 
B 2 2  DC  2  12 12 DC  DC  B . n 
B 2 3  DG  3  13 13 DG  DG  B . n 
B 2 4  DT  4  14 14 DT  DT  B . n 
B 2 5  DG  5  15 15 DG  DG  B . n 
B 2 6  DA  6  16 16 DA  DA  B . n 
B 2 7  DT  7  17 17 DT  DT  B . n 
B 2 8  DG  8  18 18 DG  DG  B . n 
B 2 9  DC  9  19 19 DC  DC  B . n 
B 2 10 DG  10 20 20 DG  DG  B . n 
# 
_cell.entry_id           1QKG 
_cell.length_a           1.000 
_cell.length_b           1.000 
_cell.length_c           1.000 
_cell.angle_alpha        90.00 
_cell.angle_beta         90.00 
_cell.angle_gamma        90.00 
_cell.Z_PDB              1 
_cell.pdbx_unique_axis   ? 
# 
_symmetry.entry_id                         1QKG 
_symmetry.space_group_name_H-M             'P 1' 
_symmetry.pdbx_full_space_group_name_H-M   ? 
_symmetry.cell_setting                     ? 
_symmetry.Int_Tables_number                1 
# 
_exptl.entry_id          1QKG 
_exptl.method            'SOLUTION NMR' 
_exptl.crystals_number   ? 
# 
_struct.entry_id                  1QKG 
_struct.title                     'DNA DECAMER DUPLEX CONTAINING T-T DEWAR PHOTOPRODUCT' 
_struct.pdbx_model_details        ? 
_struct.pdbx_CASP_flag            ? 
_struct.pdbx_model_type_details   'MINIMIZED AVERAGE' 
# 
_struct_keywords.entry_id        1QKG 
_struct_keywords.pdbx_keywords   DNA 
_struct_keywords.text            
'DEOXYRIBONUCLEIC ACID, DNA PHOTOPRODUCT, DEWAR PRODUCT, (6-4) ADDUCT, MUTAGENESIS, TRANSLESION REPLICATION, DNA' 
# 
loop_
_struct_asym.id 
_struct_asym.pdbx_blank_PDB_chainid_flag 
_struct_asym.pdbx_modified 
_struct_asym.entity_id 
_struct_asym.details 
A N N 1 ? 
B N N 2 ? 
# 
loop_
_struct_ref.id 
_struct_ref.db_name 
_struct_ref.db_code 
_struct_ref.entity_id 
_struct_ref.pdbx_seq_one_letter_code 
_struct_ref.pdbx_align_begin 
_struct_ref.pdbx_db_accession 
_struct_ref.pdbx_db_isoform 
1 PDB 1QKG 1 ? ? 1QKG ? 
2 PDB 1QKG 2 ? ? 1QKG ? 
# 
loop_
_struct_ref_seq.align_id 
_struct_ref_seq.ref_id 
_struct_ref_seq.pdbx_PDB_id_code 
_struct_ref_seq.pdbx_strand_id 
_struct_ref_seq.seq_align_beg 
_struct_ref_seq.pdbx_seq_align_beg_ins_code 
_struct_ref_seq.seq_align_end 
_struct_ref_seq.pdbx_seq_align_end_ins_code 
_struct_ref_seq.pdbx_db_accession 
_struct_ref_seq.db_align_beg 
_struct_ref_seq.pdbx_db_align_beg_ins_code 
_struct_ref_seq.db_align_end 
_struct_ref_seq.pdbx_db_align_end_ins_code 
_struct_ref_seq.pdbx_auth_seq_align_beg 
_struct_ref_seq.pdbx_auth_seq_align_end 
1 1 1QKG A 1 ? 10 ? 1QKG 1  ? 10 ? 1  10 
2 2 1QKG B 1 ? 10 ? 1QKG 11 ? 20 ? 11 20 
# 
_pdbx_struct_assembly.id                   1 
_pdbx_struct_assembly.details              software_defined_assembly 
_pdbx_struct_assembly.method_details       PISA 
_pdbx_struct_assembly.oligomeric_details   dimeric 
_pdbx_struct_assembly.oligomeric_count     2 
# 
loop_
_pdbx_struct_assembly_prop.biol_id 
_pdbx_struct_assembly_prop.type 
_pdbx_struct_assembly_prop.value 
_pdbx_struct_assembly_prop.details 
1 'ABSA (A^2)' 1890 ? 
1 MORE         2    ? 
1 'SSA (A^2)'  3760 ? 
# 
_pdbx_struct_assembly_gen.assembly_id       1 
_pdbx_struct_assembly_gen.oper_expression   1 
_pdbx_struct_assembly_gen.asym_id_list      A,B 
# 
_pdbx_struct_oper_list.id                   1 
_pdbx_struct_oper_list.type                 'identity operation' 
_pdbx_struct_oper_list.name                 1_555 
_pdbx_struct_oper_list.symmetry_operation   x,y,z 
_pdbx_struct_oper_list.matrix[1][1]         1.0000000000 
_pdbx_struct_oper_list.matrix[1][2]         0.0000000000 
_pdbx_struct_oper_list.matrix[1][3]         0.0000000000 
_pdbx_struct_oper_list.vector[1]            0.0000000000 
_pdbx_struct_oper_list.matrix[2][1]         0.0000000000 
_pdbx_struct_oper_list.matrix[2][2]         1.0000000000 
_pdbx_struct_oper_list.matrix[2][3]         0.0000000000 
_pdbx_struct_oper_list.vector[2]            0.0000000000 
_pdbx_struct_oper_list.matrix[3][1]         0.0000000000 
_pdbx_struct_oper_list.matrix[3][2]         0.0000000000 
_pdbx_struct_oper_list.matrix[3][3]         1.0000000000 
_pdbx_struct_oper_list.vector[3]            0.0000000000 
# 
_struct_biol.id   1 
# 
loop_
_struct_conn.id 
_struct_conn.conn_type_id 
_struct_conn.pdbx_leaving_atom_flag 
_struct_conn.pdbx_PDB_id 
_struct_conn.ptnr1_label_asym_id 
_struct_conn.ptnr1_label_comp_id 
_struct_conn.ptnr1_label_seq_id 
_struct_conn.ptnr1_label_atom_id 
_struct_conn.pdbx_ptnr1_label_alt_id 
_struct_conn.pdbx_ptnr1_PDB_ins_code 
_struct_conn.pdbx_ptnr1_standard_comp_id 
_struct_conn.ptnr1_symmetry 
_struct_conn.ptnr2_label_asym_id 
_struct_conn.ptnr2_label_comp_id 
_struct_conn.ptnr2_label_seq_id 
_struct_conn.ptnr2_label_atom_id 
_struct_conn.pdbx_ptnr2_label_alt_id 
_struct_conn.pdbx_ptnr2_PDB_ins_code 
_struct_conn.ptnr1_auth_asym_id 
_struct_conn.ptnr1_auth_comp_id 
_struct_conn.ptnr1_auth_seq_id 
_struct_conn.ptnr2_auth_asym_id 
_struct_conn.ptnr2_auth_comp_id 
_struct_conn.ptnr2_auth_seq_id 
_struct_conn.ptnr2_symmetry 
_struct_conn.pdbx_ptnr3_label_atom_id 
_struct_conn.pdbx_ptnr3_label_seq_id 
_struct_conn.pdbx_ptnr3_label_comp_id 
_struct_conn.pdbx_ptnr3_label_asym_id 
_struct_conn.pdbx_ptnr3_label_alt_id 
_struct_conn.pdbx_ptnr3_PDB_ins_code 
_struct_conn.details 
_struct_conn.pdbx_dist_value 
_struct_conn.pdbx_value_order 
_struct_conn.pdbx_role 
covale1  covale both ? A DA  4  "O3'" ? ? ? 1_555 A 64T 5  P  ? ? A DA  4  A 64T 5  1_555 ? ? ? ? ? ? ?            1.613 ? ? 
covale2  covale both ? A 64T 5  "O3'" ? ? ? 1_555 A TA3 6  P  ? ? A 64T 5  A TA3 6  1_555 ? ? ? ? ? ? ?            1.612 ? ? 
covale3  covale none ? A 64T 5  C6    ? ? ? 1_555 A TA3 6  C4 ? ? A 64T 5  A TA3 6  1_555 ? ? ? ? ? ? ?            1.501 ? ? 
covale4  covale both ? A TA3 6  "O3'" ? ? ? 1_555 A DA  7  P  ? ? A TA3 6  A DA  7  1_555 ? ? ? ? ? ? ?            1.601 ? ? 
hydrog1  hydrog ?    ? A DC  1  N3    ? ? ? 1_555 B DG  10 N1 ? ? A DC  1  B DG  20 1_555 ? ? ? ? ? ? WATSON-CRICK ?     ? ? 
hydrog2  hydrog ?    ? A DC  1  N4    ? ? ? 1_555 B DG  10 O6 ? ? A DC  1  B DG  20 1_555 ? ? ? ? ? ? WATSON-CRICK ?     ? ? 
hydrog3  hydrog ?    ? A DC  1  O2    ? ? ? 1_555 B DG  10 N2 ? ? A DC  1  B DG  20 1_555 ? ? ? ? ? ? WATSON-CRICK ?     ? ? 
hydrog4  hydrog ?    ? A DG  2  N1    ? ? ? 1_555 B DC  9  N3 ? ? A DG  2  B DC  19 1_555 ? ? ? ? ? ? WATSON-CRICK ?     ? ? 
hydrog5  hydrog ?    ? A DG  2  N2    ? ? ? 1_555 B DC  9  O2 ? ? A DG  2  B DC  19 1_555 ? ? ? ? ? ? WATSON-CRICK ?     ? ? 
hydrog6  hydrog ?    ? A DG  2  O6    ? ? ? 1_555 B DC  9  N4 ? ? A DG  2  B DC  19 1_555 ? ? ? ? ? ? WATSON-CRICK ?     ? ? 
hydrog7  hydrog ?    ? A DC  3  N3    ? ? ? 1_555 B DG  8  N1 ? ? A DC  3  B DG  18 1_555 ? ? ? ? ? ? WATSON-CRICK ?     ? ? 
hydrog8  hydrog ?    ? A DC  3  N4    ? ? ? 1_555 B DG  8  O6 ? ? A DC  3  B DG  18 1_555 ? ? ? ? ? ? WATSON-CRICK ?     ? ? 
hydrog9  hydrog ?    ? A DC  3  O2    ? ? ? 1_555 B DG  8  N2 ? ? A DC  3  B DG  18 1_555 ? ? ? ? ? ? WATSON-CRICK ?     ? ? 
hydrog10 hydrog ?    ? A DA  4  N1    ? ? ? 1_555 B DT  7  N3 ? ? A DA  4  B DT  17 1_555 ? ? ? ? ? ? WATSON-CRICK ?     ? ? 
hydrog11 hydrog ?    ? A DA  4  N6    ? ? ? 1_555 B DT  7  O4 ? ? A DA  4  B DT  17 1_555 ? ? ? ? ? ? WATSON-CRICK ?     ? ? 
hydrog12 hydrog ?    ? A DA  7  N1    ? ? ? 1_555 B DT  4  N3 ? ? A DA  7  B DT  14 1_555 ? ? ? ? ? ? WATSON-CRICK ?     ? ? 
hydrog13 hydrog ?    ? A DA  7  N6    ? ? ? 1_555 B DT  4  O4 ? ? A DA  7  B DT  14 1_555 ? ? ? ? ? ? WATSON-CRICK ?     ? ? 
hydrog14 hydrog ?    ? A DC  8  N3    ? ? ? 1_555 B DG  3  N1 ? ? A DC  8  B DG  13 1_555 ? ? ? ? ? ? WATSON-CRICK ?     ? ? 
hydrog15 hydrog ?    ? A DC  8  N4    ? ? ? 1_555 B DG  3  O6 ? ? A DC  8  B DG  13 1_555 ? ? ? ? ? ? WATSON-CRICK ?     ? ? 
hydrog16 hydrog ?    ? A DC  8  O2    ? ? ? 1_555 B DG  3  N2 ? ? A DC  8  B DG  13 1_555 ? ? ? ? ? ? WATSON-CRICK ?     ? ? 
hydrog17 hydrog ?    ? A DG  9  N1    ? ? ? 1_555 B DC  2  N3 ? ? A DG  9  B DC  12 1_555 ? ? ? ? ? ? WATSON-CRICK ?     ? ? 
hydrog18 hydrog ?    ? A DG  9  N2    ? ? ? 1_555 B DC  2  O2 ? ? A DG  9  B DC  12 1_555 ? ? ? ? ? ? WATSON-CRICK ?     ? ? 
hydrog19 hydrog ?    ? A DG  9  O6    ? ? ? 1_555 B DC  2  N4 ? ? A DG  9  B DC  12 1_555 ? ? ? ? ? ? WATSON-CRICK ?     ? ? 
hydrog20 hydrog ?    ? A DC  10 N3    ? ? ? 1_555 B DG  1  N1 ? ? A DC  10 B DG  11 1_555 ? ? ? ? ? ? WATSON-CRICK ?     ? ? 
hydrog21 hydrog ?    ? A DC  10 N4    ? ? ? 1_555 B DG  1  O6 ? ? A DC  10 B DG  11 1_555 ? ? ? ? ? ? WATSON-CRICK ?     ? ? 
hydrog22 hydrog ?    ? A DC  10 O2    ? ? ? 1_555 B DG  1  N2 ? ? A DC  10 B DG  11 1_555 ? ? ? ? ? ? WATSON-CRICK ?     ? ? 
# 
loop_
_struct_conn_type.id 
_struct_conn_type.criteria 
_struct_conn_type.reference 
covale ? ? 
hydrog ? ? 
# 
loop_
_pdbx_validate_rmsd_bond.id 
_pdbx_validate_rmsd_bond.PDB_model_num 
_pdbx_validate_rmsd_bond.auth_atom_id_1 
_pdbx_validate_rmsd_bond.auth_asym_id_1 
_pdbx_validate_rmsd_bond.auth_comp_id_1 
_pdbx_validate_rmsd_bond.auth_seq_id_1 
_pdbx_validate_rmsd_bond.PDB_ins_code_1 
_pdbx_validate_rmsd_bond.label_alt_id_1 
_pdbx_validate_rmsd_bond.auth_atom_id_2 
_pdbx_validate_rmsd_bond.auth_asym_id_2 
_pdbx_validate_rmsd_bond.auth_comp_id_2 
_pdbx_validate_rmsd_bond.auth_seq_id_2 
_pdbx_validate_rmsd_bond.PDB_ins_code_2 
_pdbx_validate_rmsd_bond.label_alt_id_2 
_pdbx_validate_rmsd_bond.bond_value 
_pdbx_validate_rmsd_bond.bond_target_value 
_pdbx_validate_rmsd_bond.bond_deviation 
_pdbx_validate_rmsd_bond.bond_standard_deviation 
_pdbx_validate_rmsd_bond.linker_flag 
1 1 N9 A DA 4  ? ? C4 A DA 4  ? ? 1.413 1.374 0.039 0.006 N 
2 1 N1 B DT 17 ? ? C2 B DT 17 ? ? 1.429 1.376 0.053 0.008 N 
# 
loop_
_pdbx_validate_rmsd_angle.id 
_pdbx_validate_rmsd_angle.PDB_model_num 
_pdbx_validate_rmsd_angle.auth_atom_id_1 
_pdbx_validate_rmsd_angle.auth_asym_id_1 
_pdbx_validate_rmsd_angle.auth_comp_id_1 
_pdbx_validate_rmsd_angle.auth_seq_id_1 
_pdbx_validate_rmsd_angle.PDB_ins_code_1 
_pdbx_validate_rmsd_angle.label_alt_id_1 
_pdbx_validate_rmsd_angle.auth_atom_id_2 
_pdbx_validate_rmsd_angle.auth_asym_id_2 
_pdbx_validate_rmsd_angle.auth_comp_id_2 
_pdbx_validate_rmsd_angle.auth_seq_id_2 
_pdbx_validate_rmsd_angle.PDB_ins_code_2 
_pdbx_validate_rmsd_angle.label_alt_id_2 
_pdbx_validate_rmsd_angle.auth_atom_id_3 
_pdbx_validate_rmsd_angle.auth_asym_id_3 
_pdbx_validate_rmsd_angle.auth_comp_id_3 
_pdbx_validate_rmsd_angle.auth_seq_id_3 
_pdbx_validate_rmsd_angle.PDB_ins_code_3 
_pdbx_validate_rmsd_angle.label_alt_id_3 
_pdbx_validate_rmsd_angle.angle_value 
_pdbx_validate_rmsd_angle.angle_target_value 
_pdbx_validate_rmsd_angle.angle_deviation 
_pdbx_validate_rmsd_angle.angle_standard_deviation 
_pdbx_validate_rmsd_angle.linker_flag 
1  1 "O4'" A DC  1  ? ? "C1'" A DC  1  ? ? N1    A DC  1  ? ? 111.57 108.30 3.27  0.30 N 
2  1 "C3'" A DG  2  ? ? "O3'" A DG  2  ? ? P     A DC  3  ? ? 132.30 119.70 12.60 1.20 Y 
3  1 N1    A DC  3  ? ? C2    A DC  3  ? ? O2    A DC  3  ? ? 122.56 118.90 3.66  0.60 N 
4  1 "C3'" A DC  3  ? ? "O3'" A DC  3  ? ? P     A DA  4  ? ? 141.19 119.70 21.49 1.20 Y 
5  1 "O4'" A DA  4  ? ? "C1'" A DA  4  ? ? N9    A DA  4  ? ? 110.15 108.30 1.85  0.30 N 
6  1 "C3'" A DA  4  ? ? "O3'" A DA  4  ? ? P     A 64T 5  ? ? 128.70 119.70 9.00  1.20 Y 
7  1 "C3'" A 64T 5  ? ? "O3'" A 64T 5  ? ? P     A TA3 6  ? ? 127.24 119.70 7.54  1.20 Y 
8  1 "C3'" A TA3 6  ? ? "O3'" A TA3 6  ? ? P     A DA  7  ? ? 128.96 119.70 9.26  1.20 Y 
9  1 "C3'" A DA  7  ? ? "O3'" A DA  7  ? ? P     A DC  8  ? ? 128.61 119.70 8.91  1.20 Y 
10 1 N1    A DC  8  ? ? C2    A DC  8  ? ? O2    A DC  8  ? ? 122.91 118.90 4.01  0.60 N 
11 1 "C3'" A DC  8  ? ? "O3'" A DC  8  ? ? P     A DG  9  ? ? 127.93 119.70 8.23  1.20 Y 
12 1 C2    A DG  9  ? ? N3    A DG  9  ? ? C4    A DG  9  ? ? 115.05 111.90 3.15  0.50 N 
13 1 "C3'" A DG  9  ? ? "O3'" A DG  9  ? ? P     A DC  10 ? ? 136.21 119.70 16.51 1.20 Y 
14 1 "C1'" B DG  11 ? ? "O4'" B DG  11 ? ? "C4'" B DG  11 ? ? 102.82 110.10 -7.28 1.00 N 
15 1 "O4'" B DG  11 ? ? "C1'" B DG  11 ? ? N9    B DG  11 ? ? 111.30 108.30 3.00  0.30 N 
16 1 C2    B DG  11 ? ? N3    B DG  11 ? ? C4    B DG  11 ? ? 114.93 111.90 3.03  0.50 N 
17 1 "C3'" B DG  11 ? ? "O3'" B DG  11 ? ? P     B DC  12 ? ? 136.71 119.70 17.01 1.20 Y 
18 1 "C3'" B DC  12 ? ? "O3'" B DC  12 ? ? P     B DG  13 ? ? 128.26 119.70 8.56  1.20 Y 
19 1 "O4'" B DG  13 ? ? "C1'" B DG  13 ? ? "C2'" B DG  13 ? ? 99.98  105.90 -5.92 0.80 N 
20 1 "O4'" B DG  13 ? ? "C1'" B DG  13 ? ? N9    B DG  13 ? ? 112.83 108.30 4.53  0.30 N 
21 1 "C3'" B DG  13 ? ? "O3'" B DG  13 ? ? P     B DT  14 ? ? 130.89 119.70 11.19 1.20 Y 
22 1 P     B DT  14 ? ? "O5'" B DT  14 ? ? "C5'" B DT  14 ? ? 130.90 120.90 10.00 1.60 N 
23 1 N3    B DG  15 ? ? C2    B DG  15 ? ? N2    B DG  15 ? ? 127.28 119.90 7.38  0.70 N 
24 1 "C3'" B DG  15 ? ? "O3'" B DG  15 ? ? P     B DA  16 ? ? 127.08 119.70 7.38  1.20 Y 
25 1 "C1'" B DA  16 ? ? "O4'" B DA  16 ? ? "C4'" B DA  16 ? ? 103.27 110.10 -6.83 1.00 N 
26 1 "O4'" B DA  16 ? ? "C1'" B DA  16 ? ? N9    B DA  16 ? ? 113.75 108.30 5.45  0.30 N 
27 1 "C3'" B DA  16 ? ? "O3'" B DA  16 ? ? P     B DT  17 ? ? 135.40 119.70 15.70 1.20 Y 
28 1 "C3'" B DT  17 ? ? "O3'" B DT  17 ? ? P     B DG  18 ? ? 138.14 119.70 18.44 1.20 Y 
29 1 C2    B DG  18 ? ? N3    B DG  18 ? ? C4    B DG  18 ? ? 115.27 111.90 3.37  0.50 N 
30 1 "C3'" B DG  18 ? ? "O3'" B DG  18 ? ? P     B DC  19 ? ? 137.33 119.70 17.63 1.20 Y 
31 1 "C3'" B DC  19 ? ? "O3'" B DC  19 ? ? P     B DG  20 ? ? 127.42 119.70 7.72  1.20 Y 
32 1 "O4'" B DG  20 ? ? "C1'" B DG  20 ? ? N9    B DG  20 ? ? 110.27 108.30 1.97  0.30 N 
# 
loop_
_pdbx_struct_mod_residue.id 
_pdbx_struct_mod_residue.label_asym_id 
_pdbx_struct_mod_residue.label_comp_id 
_pdbx_struct_mod_residue.label_seq_id 
_pdbx_struct_mod_residue.auth_asym_id 
_pdbx_struct_mod_residue.auth_comp_id 
_pdbx_struct_mod_residue.auth_seq_id 
_pdbx_struct_mod_residue.PDB_ins_code 
_pdbx_struct_mod_residue.parent_comp_id 
_pdbx_struct_mod_residue.details 
1 A 64T 5 A 64T 5 ? DT "5-HYDROXY-THYMIDINE-5'-MONOPHOSPHATE" 
2 A TA3 6 A TA3 6 ? DT ?                                      
# 
_pdbx_entry_details.entry_id                 1QKG 
_pdbx_entry_details.compound_details         
;MISMATCHED BASE PAIRING OF 3'-T OF DEWAR PRODUCT WITH G RESIDUE
;
_pdbx_entry_details.source_details           ? 
_pdbx_entry_details.nonpolymer_details       ? 
_pdbx_entry_details.sequence_details         ? 
_pdbx_entry_details.has_ligand_of_interest   ? 
# 
_pdbx_nmr_ensemble.entry_id                             1QKG 
_pdbx_nmr_ensemble.conformers_calculated_total_number   8 
_pdbx_nmr_ensemble.conformers_submitted_total_number    1 
_pdbx_nmr_ensemble.conformer_selection_criteria         'LEAST RESTRAINT VIOLATION' 
# 
_pdbx_nmr_sample_details.solution_id   1 
_pdbx_nmr_sample_details.contents      '100% D2O, 10% WATER/90% D2O' 
# 
_pdbx_nmr_exptl_sample_conditions.conditions_id          1 
_pdbx_nmr_exptl_sample_conditions.temperature            274.0 
_pdbx_nmr_exptl_sample_conditions.pressure_units         ? 
_pdbx_nmr_exptl_sample_conditions.pressure               ? 
_pdbx_nmr_exptl_sample_conditions.pH                     6.6 
_pdbx_nmr_exptl_sample_conditions.ionic_strength         ? 
_pdbx_nmr_exptl_sample_conditions.ionic_strength_units   ? 
_pdbx_nmr_exptl_sample_conditions.pH_units               pH 
_pdbx_nmr_exptl_sample_conditions.temperature_units      K 
# 
_pdbx_nmr_exptl.experiment_id   1 
_pdbx_nmr_exptl.conditions_id   1 
_pdbx_nmr_exptl.type            NOESY 
_pdbx_nmr_exptl.solution_id     1 
# 
_pdbx_nmr_details.entry_id   1QKG 
_pdbx_nmr_details.text       
;MEAN STRUCTURE. THE STRUCTURE WAS DETERMINED USING SA METHOD WITH DISTANCE RESTRAINTS AND FULL RELAXATION MATRIX REFINEMENT WITH NOE INTENSITY RESTRAINTS OF 50, 80, 160 MS MIXING TIMES
;
# 
_pdbx_nmr_refine.entry_id           1QKG 
_pdbx_nmr_refine.method             'SIMULATED ANNEALING AND FULL RELAXATION MATRIX REFINEMENT' 
_pdbx_nmr_refine.details            
;RESTRAINED MOLECULAR DYNAMICS WITH NMR-DERIVEN DISTANCE RESTRAINTS AND THEN FULL RELAXATION MATRIX REFINEMENT WITH NOE VOLUME ITENSITY RESTRAINTS
;
_pdbx_nmr_refine.software_ordinal   1 
# 
loop_
_pdbx_nmr_software.classification 
_pdbx_nmr_software.name 
_pdbx_nmr_software.version 
_pdbx_nmr_software.authors 
_pdbx_nmr_software.ordinal 
refinement           X-PLOR 3.1 BRUNGER 1 
'structure solution' X-PLOR ?   ?       2 
# 
loop_
_chem_comp_atom.comp_id 
_chem_comp_atom.atom_id 
_chem_comp_atom.type_symbol 
_chem_comp_atom.pdbx_aromatic_flag 
_chem_comp_atom.pdbx_stereo_config 
_chem_comp_atom.pdbx_ordinal 
64T P      P N N 1   
64T OP1    O N N 2   
64T OP2    O N N 3   
64T "O5'"  O N N 4   
64T "C5'"  C N N 5   
64T "C4'"  C N R 6   
64T "O4'"  O N N 7   
64T "C3'"  C N S 8   
64T "O3'"  O N N 9   
64T "C2'"  C N N 10  
64T "C1'"  C N R 11  
64T N1     N N N 12  
64T C2     C N N 13  
64T O2     O N N 14  
64T N3     N N N 15  
64T C4     C N N 16  
64T O4     O N N 17  
64T C5     C N R 18  
64T C5M    C N N 19  
64T O5     O N N 20  
64T C6     C N N 21  
64T OP3    O N N 22  
64T HOP2   H N N 23  
64T "H5'"  H N N 24  
64T "H5''" H N N 25  
64T "H4'"  H N N 26  
64T "H3'"  H N N 27  
64T "HO3'" H N N 28  
64T "H2'"  H N N 29  
64T "H2''" H N N 30  
64T "H1'"  H N N 31  
64T H3     H N N 32  
64T H71    H N N 33  
64T H72    H N N 34  
64T H73    H N N 35  
64T HO5    H N N 36  
64T H61    H N N 37  
64T H62    H N N 38  
64T HOP3   H N N 39  
DA  OP3    O N N 40  
DA  P      P N N 41  
DA  OP1    O N N 42  
DA  OP2    O N N 43  
DA  "O5'"  O N N 44  
DA  "C5'"  C N N 45  
DA  "C4'"  C N R 46  
DA  "O4'"  O N N 47  
DA  "C3'"  C N S 48  
DA  "O3'"  O N N 49  
DA  "C2'"  C N N 50  
DA  "C1'"  C N R 51  
DA  N9     N Y N 52  
DA  C8     C Y N 53  
DA  N7     N Y N 54  
DA  C5     C Y N 55  
DA  C6     C Y N 56  
DA  N6     N N N 57  
DA  N1     N Y N 58  
DA  C2     C Y N 59  
DA  N3     N Y N 60  
DA  C4     C Y N 61  
DA  HOP3   H N N 62  
DA  HOP2   H N N 63  
DA  "H5'"  H N N 64  
DA  "H5''" H N N 65  
DA  "H4'"  H N N 66  
DA  "H3'"  H N N 67  
DA  "HO3'" H N N 68  
DA  "H2'"  H N N 69  
DA  "H2''" H N N 70  
DA  "H1'"  H N N 71  
DA  H8     H N N 72  
DA  H61    H N N 73  
DA  H62    H N N 74  
DA  H2     H N N 75  
DC  OP3    O N N 76  
DC  P      P N N 77  
DC  OP1    O N N 78  
DC  OP2    O N N 79  
DC  "O5'"  O N N 80  
DC  "C5'"  C N N 81  
DC  "C4'"  C N R 82  
DC  "O4'"  O N N 83  
DC  "C3'"  C N S 84  
DC  "O3'"  O N N 85  
DC  "C2'"  C N N 86  
DC  "C1'"  C N R 87  
DC  N1     N N N 88  
DC  C2     C N N 89  
DC  O2     O N N 90  
DC  N3     N N N 91  
DC  C4     C N N 92  
DC  N4     N N N 93  
DC  C5     C N N 94  
DC  C6     C N N 95  
DC  HOP3   H N N 96  
DC  HOP2   H N N 97  
DC  "H5'"  H N N 98  
DC  "H5''" H N N 99  
DC  "H4'"  H N N 100 
DC  "H3'"  H N N 101 
DC  "HO3'" H N N 102 
DC  "H2'"  H N N 103 
DC  "H2''" H N N 104 
DC  "H1'"  H N N 105 
DC  H41    H N N 106 
DC  H42    H N N 107 
DC  H5     H N N 108 
DC  H6     H N N 109 
DG  OP3    O N N 110 
DG  P      P N N 111 
DG  OP1    O N N 112 
DG  OP2    O N N 113 
DG  "O5'"  O N N 114 
DG  "C5'"  C N N 115 
DG  "C4'"  C N R 116 
DG  "O4'"  O N N 117 
DG  "C3'"  C N S 118 
DG  "O3'"  O N N 119 
DG  "C2'"  C N N 120 
DG  "C1'"  C N R 121 
DG  N9     N Y N 122 
DG  C8     C Y N 123 
DG  N7     N Y N 124 
DG  C5     C Y N 125 
DG  C6     C N N 126 
DG  O6     O N N 127 
DG  N1     N N N 128 
DG  C2     C N N 129 
DG  N2     N N N 130 
DG  N3     N N N 131 
DG  C4     C Y N 132 
DG  HOP3   H N N 133 
DG  HOP2   H N N 134 
DG  "H5'"  H N N 135 
DG  "H5''" H N N 136 
DG  "H4'"  H N N 137 
DG  "H3'"  H N N 138 
DG  "HO3'" H N N 139 
DG  "H2'"  H N N 140 
DG  "H2''" H N N 141 
DG  "H1'"  H N N 142 
DG  H8     H N N 143 
DG  H1     H N N 144 
DG  H21    H N N 145 
DG  H22    H N N 146 
DT  OP3    O N N 147 
DT  P      P N N 148 
DT  OP1    O N N 149 
DT  OP2    O N N 150 
DT  "O5'"  O N N 151 
DT  "C5'"  C N N 152 
DT  "C4'"  C N R 153 
DT  "O4'"  O N N 154 
DT  "C3'"  C N S 155 
DT  "O3'"  O N N 156 
DT  "C2'"  C N N 157 
DT  "C1'"  C N R 158 
DT  N1     N N N 159 
DT  C2     C N N 160 
DT  O2     O N N 161 
DT  N3     N N N 162 
DT  C4     C N N 163 
DT  O4     O N N 164 
DT  C5     C N N 165 
DT  C7     C N N 166 
DT  C6     C N N 167 
DT  HOP3   H N N 168 
DT  HOP2   H N N 169 
DT  "H5'"  H N N 170 
DT  "H5''" H N N 171 
DT  "H4'"  H N N 172 
DT  "H3'"  H N N 173 
DT  "HO3'" H N N 174 
DT  "H2'"  H N N 175 
DT  "H2''" H N N 176 
DT  "H1'"  H N N 177 
DT  H3     H N N 178 
DT  H71    H N N 179 
DT  H72    H N N 180 
DT  H73    H N N 181 
DT  H6     H N N 182 
TA3 OP3    O N N 183 
TA3 P      P N N 184 
TA3 OP1    O N N 185 
TA3 OP2    O N N 186 
TA3 "O5'"  O N N 187 
TA3 "C5'"  C N N 188 
TA3 "C4'"  C N R 189 
TA3 "O4'"  O N N 190 
TA3 "C3'"  C N S 191 
TA3 "O3'"  O N N 192 
TA3 "C2'"  C N N 193 
TA3 "C1'"  C N R 194 
TA3 N1     N N N 195 
TA3 C2     C N N 196 
TA3 O2     O N N 197 
TA3 N3     N N N 198 
TA3 C4     C N N 199 
TA3 C5     C N R 200 
TA3 C5M    C N N 201 
TA3 C6     C N S 202 
TA3 HO1P   H N N 203 
TA3 HO2P   H N N 204 
TA3 "H5'"  H N N 205 
TA3 "H5''" H N N 206 
TA3 "H4'"  H N N 207 
TA3 "H3'"  H N N 208 
TA3 "HO3'" H N N 209 
TA3 "H2'"  H N N 210 
TA3 "H2''" H N N 211 
TA3 "H1'"  H N N 212 
TA3 H41    H N N 213 
TA3 H42    H N N 214 
TA3 H5     H N N 215 
TA3 H71    H N N 216 
TA3 H72    H N N 217 
TA3 H73    H N N 218 
TA3 H6     H N N 219 
# 
loop_
_chem_comp_bond.comp_id 
_chem_comp_bond.atom_id_1 
_chem_comp_bond.atom_id_2 
_chem_comp_bond.value_order 
_chem_comp_bond.pdbx_aromatic_flag 
_chem_comp_bond.pdbx_stereo_config 
_chem_comp_bond.pdbx_ordinal 
64T P     OP1    doub N N 1   
64T P     OP2    sing N N 2   
64T P     "O5'"  sing N N 3   
64T P     OP3    sing N N 4   
64T OP2   HOP2   sing N N 5   
64T "O5'" "C5'"  sing N N 6   
64T "C5'" "C4'"  sing N N 7   
64T "C5'" "H5'"  sing N N 8   
64T "C5'" "H5''" sing N N 9   
64T "C4'" "O4'"  sing N N 10  
64T "C4'" "C3'"  sing N N 11  
64T "C4'" "H4'"  sing N N 12  
64T "O4'" "C1'"  sing N N 13  
64T "C3'" "O3'"  sing N N 14  
64T "C3'" "C2'"  sing N N 15  
64T "C3'" "H3'"  sing N N 16  
64T "O3'" "HO3'" sing N N 17  
64T "C2'" "C1'"  sing N N 18  
64T "C2'" "H2'"  sing N N 19  
64T "C2'" "H2''" sing N N 20  
64T "C1'" N1     sing N N 21  
64T "C1'" "H1'"  sing N N 22  
64T N1    C2     sing N N 23  
64T N1    C6     sing N N 24  
64T C2    O2     doub N N 25  
64T C2    N3     sing N N 26  
64T N3    C4     sing N N 27  
64T N3    H3     sing N N 28  
64T C4    O4     doub N N 29  
64T C4    C5     sing N N 30  
64T C5    C5M    sing N N 31  
64T C5    O5     sing N N 32  
64T C5    C6     sing N N 33  
64T C5M   H71    sing N N 34  
64T C5M   H72    sing N N 35  
64T C5M   H73    sing N N 36  
64T O5    HO5    sing N N 37  
64T C6    H61    sing N N 38  
64T C6    H62    sing N N 39  
64T OP3   HOP3   sing N N 40  
DA  OP3   P      sing N N 41  
DA  OP3   HOP3   sing N N 42  
DA  P     OP1    doub N N 43  
DA  P     OP2    sing N N 44  
DA  P     "O5'"  sing N N 45  
DA  OP2   HOP2   sing N N 46  
DA  "O5'" "C5'"  sing N N 47  
DA  "C5'" "C4'"  sing N N 48  
DA  "C5'" "H5'"  sing N N 49  
DA  "C5'" "H5''" sing N N 50  
DA  "C4'" "O4'"  sing N N 51  
DA  "C4'" "C3'"  sing N N 52  
DA  "C4'" "H4'"  sing N N 53  
DA  "O4'" "C1'"  sing N N 54  
DA  "C3'" "O3'"  sing N N 55  
DA  "C3'" "C2'"  sing N N 56  
DA  "C3'" "H3'"  sing N N 57  
DA  "O3'" "HO3'" sing N N 58  
DA  "C2'" "C1'"  sing N N 59  
DA  "C2'" "H2'"  sing N N 60  
DA  "C2'" "H2''" sing N N 61  
DA  "C1'" N9     sing N N 62  
DA  "C1'" "H1'"  sing N N 63  
DA  N9    C8     sing Y N 64  
DA  N9    C4     sing Y N 65  
DA  C8    N7     doub Y N 66  
DA  C8    H8     sing N N 67  
DA  N7    C5     sing Y N 68  
DA  C5    C6     sing Y N 69  
DA  C5    C4     doub Y N 70  
DA  C6    N6     sing N N 71  
DA  C6    N1     doub Y N 72  
DA  N6    H61    sing N N 73  
DA  N6    H62    sing N N 74  
DA  N1    C2     sing Y N 75  
DA  C2    N3     doub Y N 76  
DA  C2    H2     sing N N 77  
DA  N3    C4     sing Y N 78  
DC  OP3   P      sing N N 79  
DC  OP3   HOP3   sing N N 80  
DC  P     OP1    doub N N 81  
DC  P     OP2    sing N N 82  
DC  P     "O5'"  sing N N 83  
DC  OP2   HOP2   sing N N 84  
DC  "O5'" "C5'"  sing N N 85  
DC  "C5'" "C4'"  sing N N 86  
DC  "C5'" "H5'"  sing N N 87  
DC  "C5'" "H5''" sing N N 88  
DC  "C4'" "O4'"  sing N N 89  
DC  "C4'" "C3'"  sing N N 90  
DC  "C4'" "H4'"  sing N N 91  
DC  "O4'" "C1'"  sing N N 92  
DC  "C3'" "O3'"  sing N N 93  
DC  "C3'" "C2'"  sing N N 94  
DC  "C3'" "H3'"  sing N N 95  
DC  "O3'" "HO3'" sing N N 96  
DC  "C2'" "C1'"  sing N N 97  
DC  "C2'" "H2'"  sing N N 98  
DC  "C2'" "H2''" sing N N 99  
DC  "C1'" N1     sing N N 100 
DC  "C1'" "H1'"  sing N N 101 
DC  N1    C2     sing N N 102 
DC  N1    C6     sing N N 103 
DC  C2    O2     doub N N 104 
DC  C2    N3     sing N N 105 
DC  N3    C4     doub N N 106 
DC  C4    N4     sing N N 107 
DC  C4    C5     sing N N 108 
DC  N4    H41    sing N N 109 
DC  N4    H42    sing N N 110 
DC  C5    C6     doub N N 111 
DC  C5    H5     sing N N 112 
DC  C6    H6     sing N N 113 
DG  OP3   P      sing N N 114 
DG  OP3   HOP3   sing N N 115 
DG  P     OP1    doub N N 116 
DG  P     OP2    sing N N 117 
DG  P     "O5'"  sing N N 118 
DG  OP2   HOP2   sing N N 119 
DG  "O5'" "C5'"  sing N N 120 
DG  "C5'" "C4'"  sing N N 121 
DG  "C5'" "H5'"  sing N N 122 
DG  "C5'" "H5''" sing N N 123 
DG  "C4'" "O4'"  sing N N 124 
DG  "C4'" "C3'"  sing N N 125 
DG  "C4'" "H4'"  sing N N 126 
DG  "O4'" "C1'"  sing N N 127 
DG  "C3'" "O3'"  sing N N 128 
DG  "C3'" "C2'"  sing N N 129 
DG  "C3'" "H3'"  sing N N 130 
DG  "O3'" "HO3'" sing N N 131 
DG  "C2'" "C1'"  sing N N 132 
DG  "C2'" "H2'"  sing N N 133 
DG  "C2'" "H2''" sing N N 134 
DG  "C1'" N9     sing N N 135 
DG  "C1'" "H1'"  sing N N 136 
DG  N9    C8     sing Y N 137 
DG  N9    C4     sing Y N 138 
DG  C8    N7     doub Y N 139 
DG  C8    H8     sing N N 140 
DG  N7    C5     sing Y N 141 
DG  C5    C6     sing N N 142 
DG  C5    C4     doub Y N 143 
DG  C6    O6     doub N N 144 
DG  C6    N1     sing N N 145 
DG  N1    C2     sing N N 146 
DG  N1    H1     sing N N 147 
DG  C2    N2     sing N N 148 
DG  C2    N3     doub N N 149 
DG  N2    H21    sing N N 150 
DG  N2    H22    sing N N 151 
DG  N3    C4     sing N N 152 
DT  OP3   P      sing N N 153 
DT  OP3   HOP3   sing N N 154 
DT  P     OP1    doub N N 155 
DT  P     OP2    sing N N 156 
DT  P     "O5'"  sing N N 157 
DT  OP2   HOP2   sing N N 158 
DT  "O5'" "C5'"  sing N N 159 
DT  "C5'" "C4'"  sing N N 160 
DT  "C5'" "H5'"  sing N N 161 
DT  "C5'" "H5''" sing N N 162 
DT  "C4'" "O4'"  sing N N 163 
DT  "C4'" "C3'"  sing N N 164 
DT  "C4'" "H4'"  sing N N 165 
DT  "O4'" "C1'"  sing N N 166 
DT  "C3'" "O3'"  sing N N 167 
DT  "C3'" "C2'"  sing N N 168 
DT  "C3'" "H3'"  sing N N 169 
DT  "O3'" "HO3'" sing N N 170 
DT  "C2'" "C1'"  sing N N 171 
DT  "C2'" "H2'"  sing N N 172 
DT  "C2'" "H2''" sing N N 173 
DT  "C1'" N1     sing N N 174 
DT  "C1'" "H1'"  sing N N 175 
DT  N1    C2     sing N N 176 
DT  N1    C6     sing N N 177 
DT  C2    O2     doub N N 178 
DT  C2    N3     sing N N 179 
DT  N3    C4     sing N N 180 
DT  N3    H3     sing N N 181 
DT  C4    O4     doub N N 182 
DT  C4    C5     sing N N 183 
DT  C5    C7     sing N N 184 
DT  C5    C6     doub N N 185 
DT  C7    H71    sing N N 186 
DT  C7    H72    sing N N 187 
DT  C7    H73    sing N N 188 
DT  C6    H6     sing N N 189 
TA3 OP3   P      doub N N 190 
TA3 P     OP2    sing N N 191 
TA3 P     "O5'"  sing N N 192 
TA3 P     OP1    sing N N 193 
TA3 OP1   HO1P   sing N N 194 
TA3 OP2   HO2P   sing N N 195 
TA3 "O5'" "C5'"  sing N N 196 
TA3 "C5'" "C4'"  sing N N 197 
TA3 "C5'" "H5'"  sing N N 198 
TA3 "C5'" "H5''" sing N N 199 
TA3 "C4'" "O4'"  sing N N 200 
TA3 "C4'" "C3'"  sing N N 201 
TA3 "C4'" "H4'"  sing N N 202 
TA3 "O4'" "C1'"  sing N N 203 
TA3 "C3'" "C2'"  sing N N 204 
TA3 "C3'" "O3'"  sing N N 205 
TA3 "C3'" "H3'"  sing N N 206 
TA3 "O3'" "HO3'" sing N N 207 
TA3 "C2'" "C1'"  sing N N 208 
TA3 "C2'" "H2'"  sing N N 209 
TA3 "C2'" "H2''" sing N N 210 
TA3 "C1'" N1     sing N N 211 
TA3 "C1'" "H1'"  sing N N 212 
TA3 N1    C2     sing N N 213 
TA3 N1    C6     sing N N 214 
TA3 C2    O2     doub N N 215 
TA3 C2    N3     sing N N 216 
TA3 N3    C4     sing N N 217 
TA3 N3    C6     sing N N 218 
TA3 C4    C5     sing N N 219 
TA3 C4    H41    sing N N 220 
TA3 C4    H42    sing N N 221 
TA3 C5    C5M    sing N N 222 
TA3 C5    C6     sing N N 223 
TA3 C5    H5     sing N N 224 
TA3 C5M   H71    sing N N 225 
TA3 C5M   H72    sing N N 226 
TA3 C5M   H73    sing N N 227 
TA3 C6    H6     sing N N 228 
# 
loop_
_ndb_struct_conf_na.entry_id 
_ndb_struct_conf_na.feature 
1QKG 'double helix'        
1QKG 'b-form double helix' 
# 
loop_
_ndb_struct_na_base_pair.model_number 
_ndb_struct_na_base_pair.i_label_asym_id 
_ndb_struct_na_base_pair.i_label_comp_id 
_ndb_struct_na_base_pair.i_label_seq_id 
_ndb_struct_na_base_pair.i_symmetry 
_ndb_struct_na_base_pair.j_label_asym_id 
_ndb_struct_na_base_pair.j_label_comp_id 
_ndb_struct_na_base_pair.j_label_seq_id 
_ndb_struct_na_base_pair.j_symmetry 
_ndb_struct_na_base_pair.shear 
_ndb_struct_na_base_pair.stretch 
_ndb_struct_na_base_pair.stagger 
_ndb_struct_na_base_pair.buckle 
_ndb_struct_na_base_pair.propeller 
_ndb_struct_na_base_pair.opening 
_ndb_struct_na_base_pair.pair_number 
_ndb_struct_na_base_pair.pair_name 
_ndb_struct_na_base_pair.i_auth_asym_id 
_ndb_struct_na_base_pair.i_auth_seq_id 
_ndb_struct_na_base_pair.i_PDB_ins_code 
_ndb_struct_na_base_pair.j_auth_asym_id 
_ndb_struct_na_base_pair.j_auth_seq_id 
_ndb_struct_na_base_pair.j_PDB_ins_code 
_ndb_struct_na_base_pair.hbond_type_28 
_ndb_struct_na_base_pair.hbond_type_12 
1 A DC 1  1_555 B DG 10 1_555 0.469  -0.209 -0.370 2.970   -14.615 -0.392 1 A_DC1:DG20_B  A 1  ? B 20 ? 19 1 
1 A DG 2  1_555 B DC 9  1_555 0.200  -0.142 -0.088 -1.344  -6.574  -4.510 2 A_DG2:DC19_B  A 2  ? B 19 ? 19 1 
1 A DC 3  1_555 B DG 8  1_555 0.063  -0.143 0.600  -11.914 5.273   -3.465 3 A_DC3:DG18_B  A 3  ? B 18 ? 19 1 
1 A DA 4  1_555 B DT 7  1_555 0.134  0.051  0.316  26.621  -16.615 -3.966 4 A_DA4:DT17_B  A 4  ? B 17 ? 20 1 
1 A DA 7  1_555 B DT 4  1_555 0.191  -0.208 0.532  -9.082  -11.110 -1.155 5 A_DA7:DT14_B  A 7  ? B 14 ? 20 1 
1 A DC 8  1_555 B DG 3  1_555 -0.003 -0.081 0.040  3.655   -1.871  -7.470 6 A_DC8:DG13_B  A 8  ? B 13 ? 19 1 
1 A DG 9  1_555 B DC 2  1_555 -0.059 -0.116 -0.425 4.266   -8.003  -3.162 7 A_DG9:DC12_B  A 9  ? B 12 ? 19 1 
1 A DC 10 1_555 B DG 1  1_555 0.335  -0.147 -0.074 -5.215  1.012   -3.487 8 A_DC10:DG11_B A 10 ? B 11 ? 19 1 
# 
loop_
_ndb_struct_na_base_pair_step.model_number 
_ndb_struct_na_base_pair_step.i_label_asym_id_1 
_ndb_struct_na_base_pair_step.i_label_comp_id_1 
_ndb_struct_na_base_pair_step.i_label_seq_id_1 
_ndb_struct_na_base_pair_step.i_symmetry_1 
_ndb_struct_na_base_pair_step.j_label_asym_id_1 
_ndb_struct_na_base_pair_step.j_label_comp_id_1 
_ndb_struct_na_base_pair_step.j_label_seq_id_1 
_ndb_struct_na_base_pair_step.j_symmetry_1 
_ndb_struct_na_base_pair_step.i_label_asym_id_2 
_ndb_struct_na_base_pair_step.i_label_comp_id_2 
_ndb_struct_na_base_pair_step.i_label_seq_id_2 
_ndb_struct_na_base_pair_step.i_symmetry_2 
_ndb_struct_na_base_pair_step.j_label_asym_id_2 
_ndb_struct_na_base_pair_step.j_label_comp_id_2 
_ndb_struct_na_base_pair_step.j_label_seq_id_2 
_ndb_struct_na_base_pair_step.j_symmetry_2 
_ndb_struct_na_base_pair_step.shift 
_ndb_struct_na_base_pair_step.slide 
_ndb_struct_na_base_pair_step.rise 
_ndb_struct_na_base_pair_step.tilt 
_ndb_struct_na_base_pair_step.roll 
_ndb_struct_na_base_pair_step.twist 
_ndb_struct_na_base_pair_step.x_displacement 
_ndb_struct_na_base_pair_step.y_displacement 
_ndb_struct_na_base_pair_step.helical_rise 
_ndb_struct_na_base_pair_step.inclination 
_ndb_struct_na_base_pair_step.tip 
_ndb_struct_na_base_pair_step.helical_twist 
_ndb_struct_na_base_pair_step.step_number 
_ndb_struct_na_base_pair_step.step_name 
_ndb_struct_na_base_pair_step.i_auth_asym_id_1 
_ndb_struct_na_base_pair_step.i_auth_seq_id_1 
_ndb_struct_na_base_pair_step.i_PDB_ins_code_1 
_ndb_struct_na_base_pair_step.j_auth_asym_id_1 
_ndb_struct_na_base_pair_step.j_auth_seq_id_1 
_ndb_struct_na_base_pair_step.j_PDB_ins_code_1 
_ndb_struct_na_base_pair_step.i_auth_asym_id_2 
_ndb_struct_na_base_pair_step.i_auth_seq_id_2 
_ndb_struct_na_base_pair_step.i_PDB_ins_code_2 
_ndb_struct_na_base_pair_step.j_auth_asym_id_2 
_ndb_struct_na_base_pair_step.j_auth_seq_id_2 
_ndb_struct_na_base_pair_step.j_PDB_ins_code_2 
1 A DC 1 1_555 B DG 10 1_555 A DG 2  1_555 B DC 9 1_555 -0.288 -1.188 3.270 0.396  16.569 25.997 -5.162 0.613  2.141 32.916 -0.787 
30.754 1 AA_DC1DG2:DC19DG20_BB  A 1 ? B 20 ? A 2  ? B 19 ? 
1 A DG 2 1_555 B DC 9  1_555 A DC 3  1_555 B DG 8 1_555 -0.425 -0.941 3.410 -5.326 4.440  39.950 -1.873 -0.003 3.318 6.439  7.724  
40.523 2 AA_DG2DC3:DG18DC19_BB  A 2 ? B 19 ? A 3  ? B 18 ? 
1 A DC 3 1_555 B DG 8  1_555 A DA 4  1_555 B DT 7 1_555 -0.152 -0.221 2.402 4.307  -2.587 26.238 0.016  1.152  2.357 -5.633 -9.378 
26.706 3 AA_DC3DA4:DT17DG18_BB  A 3 ? B 18 ? A 4  ? B 17 ? 
1 A DA 7 1_555 B DT 4  1_555 A DC 8  1_555 B DG 3 1_555 -0.341 -0.235 3.066 1.303  -4.513 34.019 0.267  0.769  3.056 -7.668 -2.214 
34.332 4 AA_DA7DC8:DG13DT14_BB  A 7 ? B 14 ? A 8  ? B 13 ? 
1 A DC 8 1_555 B DG 3  1_555 A DG 9  1_555 B DC 2 1_555 -0.219 -1.159 3.139 2.657  13.916 25.623 -4.934 0.937  2.197 28.747 -5.488 
29.221 5 AA_DC8DG9:DC12DG13_BB  A 8 ? B 13 ? A 9  ? B 12 ? 
1 A DG 9 1_555 B DC 2  1_555 A DC 10 1_555 B DG 1 1_555 -0.130 -1.185 3.494 -3.999 -1.632 41.262 -1.486 -0.275 3.534 -2.308 5.656  
41.478 6 AA_DG9DC10:DG11DC12_BB A 9 ? B 12 ? A 10 ? B 11 ? 
# 
_pdbx_nmr_spectrometer.spectrometer_id   1 
_pdbx_nmr_spectrometer.model             DMX 
_pdbx_nmr_spectrometer.manufacturer      Bruker 
_pdbx_nmr_spectrometer.field_strength    600 
# 
_atom_sites.entry_id                    1QKG 
_atom_sites.fract_transf_matrix[1][1]   1.000000 
_atom_sites.fract_transf_matrix[1][2]   0.000000 
_atom_sites.fract_transf_matrix[1][3]   0.000000 
_atom_sites.fract_transf_matrix[2][1]   0.000000 
_atom_sites.fract_transf_matrix[2][2]   1.000000 
_atom_sites.fract_transf_matrix[2][3]   0.000000 
_atom_sites.fract_transf_matrix[3][1]   0.000000 
_atom_sites.fract_transf_matrix[3][2]   0.000000 
_atom_sites.fract_transf_matrix[3][3]   1.000000 
_atom_sites.fract_transf_vector[1]      0.00000 
_atom_sites.fract_transf_vector[2]      0.00000 
_atom_sites.fract_transf_vector[3]      0.00000 
# 
loop_
_atom_type.symbol 
C 
H 
N 
O 
P 
# 
loop_
_atom_site.group_PDB 
_atom_site.id 
_atom_site.type_symbol 
_atom_site.label_atom_id 
_atom_site.label_alt_id 
_atom_site.label_comp_id 
_atom_site.label_asym_id 
_atom_site.label_entity_id 
_atom_site.label_seq_id 
_atom_site.pdbx_PDB_ins_code 
_atom_site.Cartn_x 
_atom_site.Cartn_y 
_atom_site.Cartn_z 
_atom_site.occupancy 
_atom_site.B_iso_or_equiv 
_atom_site.pdbx_formal_charge 
_atom_site.auth_seq_id 
_atom_site.auth_comp_id 
_atom_site.auth_asym_id 
_atom_site.auth_atom_id 
_atom_site.pdbx_PDB_model_num 
ATOM   1   O "O5'"  . DC  A 1 1  ? -5.474  -9.384  -14.251 1.00 0.99 ? 1  DC  A "O5'"  1 
ATOM   2   C "C5'"  . DC  A 1 1  ? -6.133  -8.118  -14.211 1.00 0.94 ? 1  DC  A "C5'"  1 
ATOM   3   C "C4'"  . DC  A 1 1  ? -5.083  -7.034  -14.272 1.00 0.84 ? 1  DC  A "C4'"  1 
ATOM   4   O "O4'"  . DC  A 1 1  ? -5.679  -5.711  -14.152 1.00 0.78 ? 1  DC  A "O4'"  1 
ATOM   5   C "C3'"  . DC  A 1 1  ? -4.190  -7.168  -13.051 1.00 0.79 ? 1  DC  A "C3'"  1 
ATOM   6   O "O3'"  . DC  A 1 1  ? -2.934  -7.752  -13.431 1.00 0.78 ? 1  DC  A "O3'"  1 
ATOM   7   C "C2'"  . DC  A 1 1  ? -4.038  -5.736  -12.514 1.00 0.69 ? 1  DC  A "C2'"  1 
ATOM   8   C "C1'"  . DC  A 1 1  ? -4.685  -4.869  -13.582 1.00 0.70 ? 1  DC  A "C1'"  1 
ATOM   9   N N1     . DC  A 1 1  ? -5.276  -3.646  -13.004 1.00 0.62 ? 1  DC  A N1     1 
ATOM   10  C C2     . DC  A 1 1  ? -4.773  -2.365  -13.379 1.00 0.57 ? 1  DC  A C2     1 
ATOM   11  O O2     . DC  A 1 1  ? -3.849  -2.239  -14.197 1.00 0.59 ? 1  DC  A O2     1 
ATOM   12  N N3     . DC  A 1 1  ? -5.338  -1.248  -12.813 1.00 0.52 ? 1  DC  A N3     1 
ATOM   13  C C4     . DC  A 1 1  ? -6.337  -1.352  -11.917 1.00 0.51 ? 1  DC  A C4     1 
ATOM   14  N N4     . DC  A 1 1  ? -6.861  -0.225  -11.392 1.00 0.47 ? 1  DC  A N4     1 
ATOM   15  C C5     . DC  A 1 1  ? -6.836  -2.653  -11.538 1.00 0.56 ? 1  DC  A C5     1 
ATOM   16  C C6     . DC  A 1 1  ? -6.286  -3.726  -12.091 1.00 0.61 ? 1  DC  A C6     1 
ATOM   17  H "H5'"  . DC  A 1 1  ? -6.717  -8.028  -13.269 1.00 0.93 ? 1  DC  A "H5'"  1 
ATOM   18  H "H5''" . DC  A 1 1  ? -6.827  -8.027  -15.075 1.00 0.98 ? 1  DC  A "H5''" 1 
ATOM   19  H "H4'"  . DC  A 1 1  ? -4.525  -7.124  -15.233 1.00 0.87 ? 1  DC  A "H4'"  1 
ATOM   20  H "H3'"  . DC  A 1 1  ? -4.705  -7.810  -12.293 1.00 0.85 ? 1  DC  A "H3'"  1 
ATOM   21  H "H2'"  . DC  A 1 1  ? -4.571  -5.639  -11.550 1.00 0.67 ? 1  DC  A "H2'"  1 
ATOM   22  H "H2''" . DC  A 1 1  ? -3.004  -5.411  -12.328 1.00 0.66 ? 1  DC  A "H2''" 1 
ATOM   23  H "H1'"  . DC  A 1 1  ? -3.960  -4.605  -14.372 1.00 0.71 ? 1  DC  A "H1'"  1 
ATOM   24  H H41    . DC  A 1 1  ? -6.463  0.647   -11.700 1.00 0.46 ? 1  DC  A H41    1 
ATOM   25  H H42    . DC  A 1 1  ? -7.601  -0.261  -10.726 1.00 0.47 ? 1  DC  A H42    1 
ATOM   26  H H5     . DC  A 1 1  ? -7.624  -2.875  -10.841 1.00 0.56 ? 1  DC  A H5     1 
ATOM   27  H H6     . DC  A 1 1  ? -6.632  -4.716  -11.837 1.00 0.66 ? 1  DC  A H6     1 
ATOM   28  H "HO5'" . DC  A 1 1  ? -4.572  -9.224  -13.928 1.00 0.95 ? 1  DC  A "HO5'" 1 
ATOM   29  P P      . DG  A 1 2  ? -1.749  -8.205  -12.443 1.00 0.77 ? 2  DG  A P      1 
ATOM   30  O OP1    . DG  A 1 2  ? -0.890  -9.170  -13.163 1.00 0.82 ? 2  DG  A OP1    1 
ATOM   31  O OP2    . DG  A 1 2  ? -2.378  -8.648  -11.177 1.00 0.82 ? 2  DG  A OP2    1 
ATOM   32  O "O5'"  . DG  A 1 2  ? -0.944  -6.830  -12.203 1.00 0.67 ? 2  DG  A "O5'"  1 
ATOM   33  C "C5'"  . DG  A 1 2  ? -0.106  -6.150  -13.167 1.00 0.61 ? 2  DG  A "C5'"  1 
ATOM   34  C "C4'"  . DG  A 1 2  ? 0.457   -4.814  -12.660 1.00 0.53 ? 2  DG  A "C4'"  1 
ATOM   35  O "O4'"  . DG  A 1 2  ? -0.614  -3.833  -12.447 1.00 0.49 ? 2  DG  A "O4'"  1 
ATOM   36  C "C3'"  . DG  A 1 2  ? 1.165   -4.948  -11.304 1.00 0.53 ? 2  DG  A "C3'"  1 
ATOM   37  O "O3'"  . DG  A 1 2  ? 2.431   -4.249  -11.332 1.00 0.52 ? 2  DG  A "O3'"  1 
ATOM   38  C "C2'"  . DG  A 1 2  ? 0.174   -4.264  -10.357 1.00 0.50 ? 2  DG  A "C2'"  1 
ATOM   39  C "C1'"  . DG  A 1 2  ? -0.274  -3.129  -11.266 1.00 0.44 ? 2  DG  A "C1'"  1 
ATOM   40  N N9     . DG  A 1 2  ? -1.450  -2.355  -10.802 1.00 0.41 ? 2  DG  A N9     1 
ATOM   41  C C8     . DG  A 1 2  ? -2.623  -2.839  -10.339 1.00 0.44 ? 2  DG  A C8     1 
ATOM   42  N N7     . DG  A 1 2  ? -3.507  -1.928  -9.993  1.00 0.42 ? 2  DG  A N7     1 
ATOM   43  C C5     . DG  A 1 2  ? -2.866  -0.733  -10.252 1.00 0.35 ? 2  DG  A C5     1 
ATOM   44  C C6     . DG  A 1 2  ? -3.324  0.589   -10.075 1.00 0.31 ? 2  DG  A C6     1 
ATOM   45  O O6     . DG  A 1 2  ? -4.431  0.926   -9.644  1.00 0.32 ? 2  DG  A O6     1 
ATOM   46  N N1     . DG  A 1 2  ? -2.350  1.534   -10.458 1.00 0.27 ? 2  DG  A N1     1 
ATOM   47  C C2     . DG  A 1 2  ? -1.088  1.241   -10.958 1.00 0.28 ? 2  DG  A C2     1 
ATOM   48  N N2     . DG  A 1 2  ? -0.341  2.313   -11.246 1.00 0.27 ? 2  DG  A N2     1 
ATOM   49  N N3     . DG  A 1 2  ? -0.674  -0.027  -11.117 1.00 0.31 ? 2  DG  A N3     1 
ATOM   50  C C4     . DG  A 1 2  ? -1.585  -0.962  -10.756 1.00 0.35 ? 2  DG  A C4     1 
ATOM   51  H "H5'"  . DG  A 1 2  ? -0.682  -5.953  -14.099 1.00 0.63 ? 2  DG  A "H5'"  1 
ATOM   52  H "H5''" . DG  A 1 2  ? 0.753   -6.810  -13.427 1.00 0.64 ? 2  DG  A "H5''" 1 
ATOM   53  H "H4'"  . DG  A 1 2  ? 1.148   -4.392  -13.422 1.00 0.51 ? 2  DG  A "H4'"  1 
ATOM   54  H "H3'"  . DG  A 1 2  ? 1.321   -6.013  -11.020 1.00 0.60 ? 2  DG  A "H3'"  1 
ATOM   55  H "H2'"  . DG  A 1 2  ? -0.674  -4.946  -10.149 1.00 0.54 ? 2  DG  A "H2'"  1 
ATOM   56  H "H2''" . DG  A 1 2  ? 0.621   -3.980  -9.394  1.00 0.50 ? 2  DG  A "H2''" 1 
ATOM   57  H "H1'"  . DG  A 1 2  ? 0.573   -2.458  -11.516 1.00 0.40 ? 2  DG  A "H1'"  1 
ATOM   58  H H8     . DG  A 1 2  ? -2.710  -3.919  -10.292 1.00 0.50 ? 2  DG  A H8     1 
ATOM   59  H H1     . DG  A 1 2  ? -2.617  2.515   -10.368 1.00 0.26 ? 2  DG  A H1     1 
ATOM   60  H H21    . DG  A 1 2  ? -0.655  3.267   -11.153 1.00 0.29 ? 2  DG  A H21    1 
ATOM   61  H H22    . DG  A 1 2  ? 0.563   2.108   -11.611 1.00 0.28 ? 2  DG  A H22    1 
ATOM   62  P P      . DC  A 1 3  ? 3.607   -4.092  -10.244 1.00 0.52 ? 3  DC  A P      1 
ATOM   63  O OP1    . DC  A 1 3  ? 4.861   -4.650  -10.800 1.00 0.56 ? 3  DC  A OP1    1 
ATOM   64  O OP2    . DC  A 1 3  ? 3.129   -4.622  -8.945  1.00 0.57 ? 3  DC  A OP2    1 
ATOM   65  O "O5'"  . DC  A 1 3  ? 3.745   -2.488  -10.143 1.00 0.45 ? 3  DC  A "O5'"  1 
ATOM   66  C "C5'"  . DC  A 1 3  ? 4.348   -1.547  -11.073 1.00 0.41 ? 3  DC  A "C5'"  1 
ATOM   67  C "C4'"  . DC  A 1 3  ? 4.586   -0.145  -10.467 1.00 0.39 ? 3  DC  A "C4'"  1 
ATOM   68  O "O4'"  . DC  A 1 3  ? 3.313   0.501   -10.177 1.00 0.33 ? 3  DC  A "O4'"  1 
ATOM   69  C "C3'"  . DC  A 1 3  ? 5.351   -0.264  -9.153  1.00 0.45 ? 3  DC  A "C3'"  1 
ATOM   70  O "O3'"  . DC  A 1 3  ? 6.574   0.496   -9.122  1.00 0.52 ? 3  DC  A "O3'"  1 
ATOM   71  C "C2'"  . DC  A 1 3  ? 4.358   0.186   -8.058  1.00 0.43 ? 3  DC  A "C2'"  1 
ATOM   72  C "C1'"  . DC  A 1 3  ? 3.270   0.967   -8.836  1.00 0.35 ? 3  DC  A "C1'"  1 
ATOM   73  N N1     . DC  A 1 3  ? 1.867   0.728   -8.387  1.00 0.31 ? 3  DC  A N1     1 
ATOM   74  C C2     . DC  A 1 3  ? 1.102   1.812   -7.870  1.00 0.27 ? 3  DC  A C2     1 
ATOM   75  O O2     . DC  A 1 3  ? 1.557   2.962   -7.767  1.00 0.28 ? 3  DC  A O2     1 
ATOM   76  N N3     . DC  A 1 3  ? -0.189  1.562   -7.475  1.00 0.24 ? 3  DC  A N3     1 
ATOM   77  C C4     . DC  A 1 3  ? -0.728  0.355   -7.560  1.00 0.28 ? 3  DC  A C4     1 
ATOM   78  N N4     . DC  A 1 3  ? -1.990  0.246   -7.133  1.00 0.28 ? 3  DC  A N4     1 
ATOM   79  C C5     . DC  A 1 3  ? 0.019   -0.751  -8.083  1.00 0.33 ? 3  DC  A C5     1 
ATOM   80  C C6     . DC  A 1 3  ? 1.278   -0.522  -8.475  1.00 0.34 ? 3  DC  A C6     1 
ATOM   81  H "H5'"  . DC  A 1 3  ? 3.698   -1.451  -11.971 1.00 0.38 ? 3  DC  A "H5'"  1 
ATOM   82  H "H5''" . DC  A 1 3  ? 5.335   -1.946  -11.399 1.00 0.45 ? 3  DC  A "H5''" 1 
ATOM   83  H "H4'"  . DC  A 1 3  ? 5.099   0.537   -11.182 1.00 0.39 ? 3  DC  A "H4'"  1 
ATOM   84  H "H3'"  . DC  A 1 3  ? 5.673   -1.330  -9.061  1.00 0.49 ? 3  DC  A "H3'"  1 
ATOM   85  H "H2'"  . DC  A 1 3  ? 3.928   -0.668  -7.469  1.00 0.45 ? 3  DC  A "H2'"  1 
ATOM   86  H "H2''" . DC  A 1 3  ? 4.883   0.869   -7.356  1.00 0.47 ? 3  DC  A "H2''" 1 
ATOM   87  H "H1'"  . DC  A 1 3  ? 3.507   2.059   -8.885  1.00 0.35 ? 3  DC  A "H1'"  1 
ATOM   88  H H41    . DC  A 1 3  ? -2.423  1.083   -6.788  1.00 0.24 ? 3  DC  A H41    1 
ATOM   89  H H42    . DC  A 1 3  ? -2.477  -0.599  -7.190  1.00 0.32 ? 3  DC  A H42    1 
ATOM   90  H H5     . DC  A 1 3  ? -0.411  -1.740  -8.166  1.00 0.38 ? 3  DC  A H5     1 
ATOM   91  H H6     . DC  A 1 3  ? 1.906   -1.299  -8.885  1.00 0.38 ? 3  DC  A H6     1 
ATOM   92  P P      . DA  A 1 4  ? 7.126   1.999   -9.326  1.00 0.75 ? 4  DA  A P      1 
ATOM   93  O OP1    . DA  A 1 4  ? 6.327   2.682   -10.373 1.00 1.10 ? 4  DA  A OP1    1 
ATOM   94  O OP2    . DA  A 1 4  ? 8.593   1.927   -9.533  1.00 1.21 ? 4  DA  A OP2    1 
ATOM   95  O "O5'"  . DA  A 1 4  ? 6.802   2.700   -7.905  1.00 0.63 ? 4  DA  A "O5'"  1 
ATOM   96  C "C5'"  . DA  A 1 4  ? 6.510   4.113   -7.804  1.00 0.57 ? 4  DA  A "C5'"  1 
ATOM   97  C "C4'"  . DA  A 1 4  ? 5.938   4.562   -6.460  1.00 0.48 ? 4  DA  A "C4'"  1 
ATOM   98  O "O4'"  . DA  A 1 4  ? 4.604   3.994   -6.226  1.00 0.44 ? 4  DA  A "O4'"  1 
ATOM   99  C "C3'"  . DA  A 1 4  ? 6.790   4.147   -5.266  1.00 0.49 ? 4  DA  A "C3'"  1 
ATOM   100 O "O3'"  . DA  A 1 4  ? 7.067   5.273   -4.408  1.00 0.50 ? 4  DA  A "O3'"  1 
ATOM   101 C "C2'"  . DA  A 1 4  ? 5.924   3.106   -4.562  1.00 0.48 ? 4  DA  A "C2'"  1 
ATOM   102 C "C1'"  . DA  A 1 4  ? 4.514   3.633   -4.857  1.00 0.41 ? 4  DA  A "C1'"  1 
ATOM   103 N N9     . DA  A 1 4  ? 3.331   2.737   -4.635  1.00 0.39 ? 4  DA  A N9     1 
ATOM   104 C C8     . DA  A 1 4  ? 3.279   1.390   -4.401  1.00 0.41 ? 4  DA  A C8     1 
ATOM   105 N N7     . DA  A 1 4  ? 2.071   0.892   -4.237  1.00 0.39 ? 4  DA  A N7     1 
ATOM   106 C C5     . DA  A 1 4  ? 1.248   1.990   -4.374  1.00 0.34 ? 4  DA  A C5     1 
ATOM   107 C C6     . DA  A 1 4  ? -0.162  2.105   -4.301  1.00 0.30 ? 4  DA  A C6     1 
ATOM   108 N N6     . DA  A 1 4  ? -0.973  1.049   -4.061  1.00 0.32 ? 4  DA  A N6     1 
ATOM   109 N N1     . DA  A 1 4  ? -0.681  3.343   -4.478  1.00 0.26 ? 4  DA  A N1     1 
ATOM   110 C C2     . DA  A 1 4  ? 0.134   4.373   -4.707  1.00 0.26 ? 4  DA  A C2     1 
ATOM   111 N N3     . DA  A 1 4  ? 1.461   4.387   -4.793  1.00 0.31 ? 4  DA  A N3     1 
ATOM   112 C C4     . DA  A 1 4  ? 1.977   3.142   -4.617  1.00 0.34 ? 4  DA  A C4     1 
ATOM   113 H "H5'"  . DA  A 1 4  ? 5.777   4.415   -8.588  1.00 0.60 ? 4  DA  A "H5'"  1 
ATOM   114 H "H5''" . DA  A 1 4  ? 7.451   4.682   -7.969  1.00 0.61 ? 4  DA  A "H5''" 1 
ATOM   115 H "H4'"  . DA  A 1 4  ? 5.859   5.665   -6.522  1.00 0.49 ? 4  DA  A "H4'"  1 
ATOM   116 H "H3'"  . DA  A 1 4  ? 7.734   3.677   -5.612  1.00 0.54 ? 4  DA  A "H3'"  1 
ATOM   117 H "H2'"  . DA  A 1 4  ? 6.161   2.171   -5.103  1.00 0.52 ? 4  DA  A "H2'"  1 
ATOM   118 H "H2''" . DA  A 1 4  ? 6.170   3.035   -3.482  1.00 0.52 ? 4  DA  A "H2''" 1 
ATOM   119 H "H1'"  . DA  A 1 4  ? 4.354   4.553   -4.252  1.00 0.42 ? 4  DA  A "H1'"  1 
ATOM   120 H H8     . DA  A 1 4  ? 4.199   0.817   -4.356  1.00 0.45 ? 4  DA  A H8     1 
ATOM   121 H H61    . DA  A 1 4  ? -1.960  1.242   -4.051  1.00 0.30 ? 4  DA  A H61    1 
ATOM   122 H H62    . DA  A 1 4  ? -0.579  0.140   -3.943  1.00 0.37 ? 4  DA  A H62    1 
ATOM   123 H H2     . DA  A 1 4  ? -0.359  5.336   -4.849  1.00 0.24 ? 4  DA  A H2     1 
HETATM 124 P P      . 64T A 1 5  ? 8.293   5.481   -3.380  1.00 0.57 ? 5  64T A P      1 
HETATM 125 O OP1    . 64T A 1 5  ? 8.631   6.922   -3.328  1.00 0.93 ? 5  64T A OP1    1 
HETATM 126 O OP2    . 64T A 1 5  ? 9.382   4.535   -3.720  1.00 1.01 ? 5  64T A OP2    1 
HETATM 127 O "O5'"  . 64T A 1 5  ? 7.655   5.041   -1.963  1.00 0.42 ? 5  64T A "O5'"  1 
HETATM 128 C "C5'"  . 64T A 1 5  ? 6.877   5.749   -0.975  1.00 0.37 ? 5  64T A "C5'"  1 
HETATM 129 C "C4'"  . 64T A 1 5  ? 5.442   6.017   -1.428  1.00 0.39 ? 5  64T A "C4'"  1 
HETATM 130 O "O4'"  . 64T A 1 5  ? 4.770   4.764   -1.735  1.00 0.38 ? 5  64T A "O4'"  1 
HETATM 131 C "C3'"  . 64T A 1 5  ? 4.606   6.577   -0.304  1.00 0.41 ? 5  64T A "C3'"  1 
HETATM 132 O "O3'"  . 64T A 1 5  ? 4.806   7.985   -0.067  1.00 0.47 ? 5  64T A "O3'"  1 
HETATM 133 C "C2'"  . 64T A 1 5  ? 3.215   6.319   -0.872  1.00 0.44 ? 5  64T A "C2'"  1 
HETATM 134 C "C1'"  . 64T A 1 5  ? 3.372   4.949   -1.577  1.00 0.42 ? 5  64T A "C1'"  1 
HETATM 135 N N1     . 64T A 1 5  ? 2.752   3.745   -0.911  1.00 0.41 ? 5  64T A N1     1 
HETATM 136 C C2     . 64T A 1 5  ? 1.312   3.750   -1.015  1.00 0.47 ? 5  64T A C2     1 
HETATM 137 O O2     . 64T A 1 5  ? 0.676   4.523   -1.734  1.00 0.55 ? 5  64T A O2     1 
HETATM 138 N N3     . 64T A 1 5  ? 0.629   2.801   -0.204  1.00 0.48 ? 5  64T A N3     1 
HETATM 139 C C4     . 64T A 1 5  ? 1.210   1.894   0.736   1.00 0.43 ? 5  64T A C4     1 
HETATM 140 O O4     . 64T A 1 5  ? 0.475   1.160   1.398   1.00 0.46 ? 5  64T A O4     1 
HETATM 141 C C5     . 64T A 1 5  ? 2.649   1.653   0.517   1.00 0.38 ? 5  64T A C5     1 
HETATM 142 C C5M    . 64T A 1 5  ? 2.835   0.627   -0.631  1.00 0.42 ? 5  64T A C5M    1 
HETATM 143 O O5     . 64T A 1 5  ? 3.266   1.036   1.639   1.00 0.35 ? 5  64T A O5     1 
HETATM 144 C C6     . 64T A 1 5  ? 3.367   3.098   0.200   1.00 0.35 ? 5  64T A C6     1 
HETATM 145 H "H5'"  . 64T A 1 5  ? 7.364   6.719   -0.724  1.00 0.44 ? 5  64T A "H5'"  1 
HETATM 146 H "H5''" . 64T A 1 5  ? 6.853   5.136   -0.050  1.00 0.34 ? 5  64T A "H5''" 1 
HETATM 147 H "H4'"  . 64T A 1 5  ? 5.399   6.665   -2.331  1.00 0.44 ? 5  64T A "H4'"  1 
HETATM 148 H "H3'"  . 64T A 1 5  ? 4.779   5.973   0.615   1.00 0.36 ? 5  64T A "H3'"  1 
HETATM 149 H "H2'"  . 64T A 1 5  ? 2.434   6.349   -0.083  1.00 0.45 ? 5  64T A "H2'"  1 
HETATM 150 H "H2''" . 64T A 1 5  ? 2.992   7.099   -1.632  1.00 0.50 ? 5  64T A "H2''" 1 
HETATM 151 H "H1'"  . 64T A 1 5  ? 2.979   5.038   -2.616  1.00 0.47 ? 5  64T A "H1'"  1 
HETATM 152 H H3     . 64T A 1 5  ? -0.384  2.854   -0.226  1.00 0.55 ? 5  64T A H3     1 
HETATM 153 H H71    . 64T A 1 5  ? 2.353   -0.336  -0.406  1.00 0.46 ? 5  64T A H71    1 
HETATM 154 H H72    . 64T A 1 5  ? 2.398   0.988   -1.573  1.00 0.46 ? 5  64T A H72    1 
HETATM 155 H H73    . 64T A 1 5  ? 3.895   0.419   -0.833  1.00 0.39 ? 5  64T A H73    1 
HETATM 156 H HO5    . 64T A 1 5  ? 2.685   0.321   1.920   1.00 0.39 ? 5  64T A HO5    1 
HETATM 157 H H61    . 64T A 1 5  ? 4.467   2.973   0.052   1.00 0.32 ? 5  64T A H61    1 
HETATM 158 P P      . TA3 A 1 6  ? 5.165   8.696   1.333   1.00 0.48 ? 6  TA3 A P      1 
HETATM 159 O OP1    . TA3 A 1 6  ? 5.489   10.121  1.090   1.00 0.59 ? 6  TA3 A OP1    1 
HETATM 160 O OP2    . TA3 A 1 6  ? 6.174   7.867   2.032   1.00 0.42 ? 6  TA3 A OP2    1 
HETATM 161 O "O5'"  . TA3 A 1 6  ? 3.779   8.609   2.142   1.00 0.47 ? 6  TA3 A "O5'"  1 
HETATM 162 C "C5'"  . TA3 A 1 6  ? 2.516   9.289   1.939   1.00 0.56 ? 6  TA3 A "C5'"  1 
HETATM 163 C "C4'"  . TA3 A 1 6  ? 1.400   8.828   2.903   1.00 0.54 ? 6  TA3 A "C4'"  1 
HETATM 164 O "O4'"  . TA3 A 1 6  ? 1.151   7.404   2.760   1.00 0.47 ? 6  TA3 A "O4'"  1 
HETATM 165 C "C3'"  . TA3 A 1 6  ? 1.717   9.040   4.362   1.00 0.52 ? 6  TA3 A "C3'"  1 
HETATM 166 O "O3'"  . TA3 A 1 6  ? 0.529   9.353   5.114   1.00 0.55 ? 6  TA3 A "O3'"  1 
HETATM 167 C "C2'"  . TA3 A 1 6  ? 2.293   7.720   4.772   1.00 0.41 ? 6  TA3 A "C2'"  1 
HETATM 168 C "C1'"  . TA3 A 1 6  ? 1.359   6.780   4.026   1.00 0.40 ? 6  TA3 A "C1'"  1 
HETATM 169 N N1     . TA3 A 1 6  ? 1.973   5.414   3.882   1.00 0.33 ? 6  TA3 A N1     1 
HETATM 170 C C2     . TA3 A 1 6  ? 1.302   4.444   3.098   1.00 0.35 ? 6  TA3 A C2     1 
HETATM 171 O O2     . TA3 A 1 6  ? 0.447   3.614   3.429   1.00 0.35 ? 6  TA3 A O2     1 
HETATM 172 N N3     . TA3 A 1 6  ? 2.153   4.794   1.918   1.00 0.36 ? 6  TA3 A N3     1 
HETATM 173 C C4     . TA3 A 1 6  ? 3.308   3.988   1.408   1.00 0.32 ? 6  TA3 A C4     1 
HETATM 174 C C5     . TA3 A 1 6  ? 3.869   3.954   2.659   1.00 0.28 ? 6  TA3 A C5     1 
HETATM 175 C C5M    . TA3 A 1 6  ? 5.071   3.370   3.244   1.00 0.26 ? 6  TA3 A C5M    1 
HETATM 176 C C6     . TA3 A 1 6  ? 3.188   5.316   2.959   1.00 0.31 ? 6  TA3 A C6     1 
HETATM 177 H "H5'"  . TA3 A 1 6  ? 2.167   9.112   0.897   1.00 0.58 ? 6  TA3 A "H5'"  1 
HETATM 178 H "H5''" . TA3 A 1 6  ? 2.668   10.383  2.066   1.00 0.64 ? 6  TA3 A "H5''" 1 
HETATM 179 H "H4'"  . TA3 A 1 6  ? 0.451   9.345   2.704   1.00 0.61 ? 6  TA3 A "H4'"  1 
HETATM 180 H "H3'"  . TA3 A 1 6  ? 2.462   9.823   4.512   1.00 0.55 ? 6  TA3 A "H3'"  1 
HETATM 181 H "H2'"  . TA3 A 1 6  ? 3.335   7.607   4.410   1.00 0.39 ? 6  TA3 A "H2'"  1 
HETATM 182 H "H2''" . TA3 A 1 6  ? 2.309   7.661   5.870   1.00 0.41 ? 6  TA3 A "H2''" 1 
HETATM 183 H "H1'"  . TA3 A 1 6  ? 0.353   6.840   4.491   1.00 0.43 ? 6  TA3 A "H1'"  1 
HETATM 184 H H71    . TA3 A 1 6  ? 5.180   2.304   2.954   1.00 0.27 ? 6  TA3 A H71    1 
HETATM 185 H H72    . TA3 A 1 6  ? 5.975   3.914   2.893   1.00 0.26 ? 6  TA3 A H72    1 
HETATM 186 H H73    . TA3 A 1 6  ? 5.047   3.426   4.353   1.00 0.26 ? 6  TA3 A H73    1 
HETATM 187 H H6     . TA3 A 1 6  ? 3.968   6.078   2.842   1.00 0.32 ? 6  TA3 A H6     1 
ATOM   188 P P      . DA  A 1 7  ? 0.375   9.636   6.682   1.00 0.51 ? 7  DA  A P      1 
ATOM   189 O OP1    . DA  A 1 7  ? -0.838  10.462  6.884   1.00 0.57 ? 7  DA  A OP1    1 
ATOM   190 O OP2    . DA  A 1 7  ? 1.658   10.152  7.209   1.00 0.57 ? 7  DA  A OP2    1 
ATOM   191 O "O5'"  . DA  A 1 7  ? 0.115   8.154   7.254   1.00 0.41 ? 7  DA  A "O5'"  1 
ATOM   192 C "C5'"  . DA  A 1 7  ? -1.152  7.467   7.203   1.00 0.41 ? 7  DA  A "C5'"  1 
ATOM   193 C "C4'"  . DA  A 1 7  ? -1.166  6.134   7.949   1.00 0.33 ? 7  DA  A "C4'"  1 
ATOM   194 O "O4'"  . DA  A 1 7  ? -0.646  5.044   7.103   1.00 0.33 ? 7  DA  A "O4'"  1 
ATOM   195 C "C3'"  . DA  A 1 7  ? -0.281  6.125   9.204   1.00 0.32 ? 7  DA  A "C3'"  1 
ATOM   196 O "O3'"  . DA  A 1 7  ? -0.932  5.401   10.255  1.00 0.41 ? 7  DA  A "O3'"  1 
ATOM   197 C "C2'"  . DA  A 1 7  ? 0.951   5.332   8.764   1.00 0.33 ? 7  DA  A "C2'"  1 
ATOM   198 C "C1'"  . DA  A 1 7  ? 0.259   4.265   7.891   1.00 0.29 ? 7  DA  A "C1'"  1 
ATOM   199 N N9     . DA  A 1 7  ? 1.097   3.421   6.989   1.00 0.29 ? 7  DA  A N9     1 
ATOM   200 C C8     . DA  A 1 7  ? 2.309   3.662   6.393   1.00 0.32 ? 7  DA  A C8     1 
ATOM   201 N N7     . DA  A 1 7  ? 2.767   2.680   5.649   1.00 0.33 ? 7  DA  A N7     1 
ATOM   202 C C5     . DA  A 1 7  ? 1.794   1.720   5.743   1.00 0.30 ? 7  DA  A C5     1 
ATOM   203 C C6     . DA  A 1 7  ? 1.715   0.439   5.160   1.00 0.31 ? 7  DA  A C6     1 
ATOM   204 N N6     . DA  A 1 7  ? 2.675   -0.064  4.353   1.00 0.34 ? 7  DA  A N6     1 
ATOM   205 N N1     . DA  A 1 7  ? 0.616   -0.280  5.456   1.00 0.31 ? 7  DA  A N1     1 
ATOM   206 C C2     . DA  A 1 7  ? -0.323  0.217   6.257   1.00 0.31 ? 7  DA  A C2     1 
ATOM   207 N N3     . DA  A 1 7  ? -0.357  1.407   6.859   1.00 0.29 ? 7  DA  A N3     1 
ATOM   208 C C4     . DA  A 1 7  ? 0.752   2.129   6.558   1.00 0.29 ? 7  DA  A C4     1 
ATOM   209 H "H5'"  . DA  A 1 7  ? -1.462  7.297   6.147   1.00 0.46 ? 7  DA  A "H5'"  1 
ATOM   210 H "H5''" . DA  A 1 7  ? -1.925  8.108   7.684   1.00 0.45 ? 7  DA  A "H5''" 1 
ATOM   211 H "H4'"  . DA  A 1 7  ? -2.256  5.986   8.165   1.00 0.34 ? 7  DA  A "H4'"  1 
ATOM   212 H "H3'"  . DA  A 1 7  ? -0.005  7.151   9.540   1.00 0.33 ? 7  DA  A "H3'"  1 
ATOM   213 H "H2'"  . DA  A 1 7  ? 1.602   6.028   8.208   1.00 0.37 ? 7  DA  A "H2'"  1 
ATOM   214 H "H2''" . DA  A 1 7  ? 1.535   4.975   9.632   1.00 0.37 ? 7  DA  A "H2''" 1 
ATOM   215 H "H1'"  . DA  A 1 7  ? -0.358  3.560   8.507   1.00 0.30 ? 7  DA  A "H1'"  1 
ATOM   216 H H8     . DA  A 1 7  ? 2.825   4.602   6.553   1.00 0.34 ? 7  DA  A H8     1 
ATOM   217 H H61    . DA  A 1 7  ? 2.531   -0.984  3.979   1.00 0.34 ? 7  DA  A H61    1 
ATOM   218 H H62    . DA  A 1 7  ? 3.482   0.487   4.142   1.00 0.36 ? 7  DA  A H62    1 
ATOM   219 H H2     . DA  A 1 7  ? -1.159  -0.469  6.422   1.00 0.33 ? 7  DA  A H2     1 
ATOM   220 P P      . DC  A 1 8  ? -0.700  5.510   11.836  1.00 0.41 ? 8  DC  A P      1 
ATOM   221 O OP1    . DC  A 1 8  ? -1.363  6.732   12.338  1.00 0.77 ? 8  DC  A OP1    1 
ATOM   222 O OP2    . DC  A 1 8  ? 0.746   5.338   12.120  1.00 0.71 ? 8  DC  A OP2    1 
ATOM   223 O "O5'"  . DC  A 1 8  ? -1.509  4.228   12.358  1.00 0.47 ? 8  DC  A "O5'"  1 
ATOM   224 C "C5'"  . DC  A 1 8  ? -2.750  3.673   11.870  1.00 0.45 ? 8  DC  A "C5'"  1 
ATOM   225 C "C4'"  . DC  A 1 8  ? -2.657  2.156   11.726  1.00 0.46 ? 8  DC  A "C4'"  1 
ATOM   226 O "O4'"  . DC  A 1 8  ? -1.655  1.800   10.727  1.00 0.46 ? 8  DC  A "O4'"  1 
ATOM   227 C "C3'"  . DC  A 1 8  ? -2.188  1.525   13.033  1.00 0.52 ? 8  DC  A "C3'"  1 
ATOM   228 O "O3'"  . DC  A 1 8  ? -3.022  0.410   13.403  1.00 0.58 ? 8  DC  A "O3'"  1 
ATOM   229 C "C2'"  . DC  A 1 8  ? -0.757  1.073   12.728  1.00 0.52 ? 8  DC  A "C2'"  1 
ATOM   230 C "C1'"  . DC  A 1 8  ? -0.936  0.703   11.244  1.00 0.48 ? 8  DC  A "C1'"  1 
ATOM   231 N N1     . DC  A 1 8  ? 0.272   0.512   10.375  1.00 0.44 ? 8  DC  A N1     1 
ATOM   232 C C2     . DC  A 1 8  ? 0.313   -0.628  9.497   1.00 0.44 ? 8  DC  A C2     1 
ATOM   233 O O2     . DC  A 1 8  ? -0.599  -1.470  9.442   1.00 0.49 ? 8  DC  A O2     1 
ATOM   234 N N3     . DC  A 1 8  ? 1.408   -0.795  8.686   1.00 0.40 ? 8  DC  A N3     1 
ATOM   235 C C4     . DC  A 1 8  ? 2.413   0.066   8.704   1.00 0.37 ? 8  DC  A C4     1 
ATOM   236 N N4     . DC  A 1 8  ? 3.429   -0.193  7.876   1.00 0.35 ? 8  DC  A N4     1 
ATOM   237 C C5     . DC  A 1 8  ? 2.406   1.215   9.554   1.00 0.37 ? 8  DC  A C5     1 
ATOM   238 C C6     . DC  A 1 8  ? 1.343   1.402   10.355  1.00 0.40 ? 8  DC  A C6     1 
ATOM   239 H "H5'"  . DC  A 1 8  ? -3.024  4.103   10.881  1.00 0.43 ? 8  DC  A "H5'"  1 
ATOM   240 H "H5''" . DC  A 1 8  ? -3.556  3.912   12.594  1.00 0.50 ? 8  DC  A "H5''" 1 
ATOM   241 H "H4'"  . DC  A 1 8  ? -3.617  1.718   11.406  1.00 0.49 ? 8  DC  A "H4'"  1 
ATOM   242 H "H3'"  . DC  A 1 8  ? -2.226  2.289   13.831  1.00 0.52 ? 8  DC  A "H3'"  1 
ATOM   243 H "H2'"  . DC  A 1 8  ? -0.080  1.941   12.890  1.00 0.50 ? 8  DC  A "H2'"  1 
ATOM   244 H "H2''" . DC  A 1 8  ? -0.472  0.250   13.411  1.00 0.59 ? 8  DC  A "H2''" 1 
ATOM   245 H "H1'"  . DC  A 1 8  ? -1.647  -0.150  11.193  1.00 0.52 ? 8  DC  A "H1'"  1 
ATOM   246 H H41    . DC  A 1 8  ? 3.377   -1.020  7.304   1.00 0.35 ? 8  DC  A H41    1 
ATOM   247 H H42    . DC  A 1 8  ? 4.216   0.383   7.817   1.00 0.34 ? 8  DC  A H42    1 
ATOM   248 H H5     . DC  A 1 8  ? 3.261   1.885   9.520   1.00 0.36 ? 8  DC  A H5     1 
ATOM   249 H H6     . DC  A 1 8  ? 1.291   2.260   11.021  1.00 0.41 ? 8  DC  A H6     1 
ATOM   250 P P      . DG  A 1 9  ? -3.162  -0.282  14.846  1.00 0.66 ? 9  DG  A P      1 
ATOM   251 O OP1    . DG  A 1 9  ? -4.602  -0.439  15.172  1.00 0.82 ? 9  DG  A OP1    1 
ATOM   252 O OP2    . DG  A 1 9  ? -2.313  0.445   15.818  1.00 0.75 ? 9  DG  A OP2    1 
ATOM   253 O "O5'"  . DG  A 1 9  ? -2.521  -1.725  14.540  1.00 0.51 ? 9  DG  A "O5'"  1 
ATOM   254 C "C5'"  . DG  A 1 9  ? -3.209  -2.738  13.776  1.00 0.48 ? 9  DG  A "C5'"  1 
ATOM   255 C "C4'"  . DG  A 1 9  ? -2.312  -3.898  13.366  1.00 0.39 ? 9  DG  A "C4'"  1 
ATOM   256 O "O4'"  . DG  A 1 9  ? -1.305  -3.457  12.398  1.00 0.34 ? 9  DG  A "O4'"  1 
ATOM   257 C "C3'"  . DG  A 1 9  ? -1.523  -4.478  14.551  1.00 0.40 ? 9  DG  A "C3'"  1 
ATOM   258 O "O3'"  . DG  A 1 9  ? -1.772  -5.896  14.657  1.00 0.43 ? 9  DG  A "O3'"  1 
ATOM   259 C "C2'"  . DG  A 1 9  ? -0.059  -4.138  14.205  1.00 0.39 ? 9  DG  A "C2'"  1 
ATOM   260 C "C1'"  . DG  A 1 9  ? -0.122  -4.172  12.688  1.00 0.32 ? 9  DG  A "C1'"  1 
ATOM   261 N N9     . DG  A 1 9  ? 1.022   -3.574  11.963  1.00 0.30 ? 9  DG  A N9     1 
ATOM   262 C C8     . DG  A 1 9  ? 1.651   -2.390  12.157  1.00 0.31 ? 9  DG  A C8     1 
ATOM   263 N N7     . DG  A 1 9  ? 2.654   -2.155  11.336  1.00 0.30 ? 9  DG  A N7     1 
ATOM   264 C C5     . DG  A 1 9  ? 2.686   -3.271  10.525  1.00 0.28 ? 9  DG  A C5     1 
ATOM   265 C C6     . DG  A 1 9  ? 3.546   -3.587  9.453   1.00 0.29 ? 9  DG  A C6     1 
ATOM   266 O O6     . DG  A 1 9  ? 4.470   -2.888  9.026   1.00 0.31 ? 9  DG  A O6     1 
ATOM   267 N N1     . DG  A 1 9  ? 3.246   -4.841  8.883   1.00 0.30 ? 9  DG  A N1     1 
ATOM   268 C C2     . DG  A 1 9  ? 2.212   -5.694  9.312   1.00 0.30 ? 9  DG  A C2     1 
ATOM   269 N N2     . DG  A 1 9  ? 2.039   -6.859  8.663   1.00 0.34 ? 9  DG  A N2     1 
ATOM   270 N N3     . DG  A 1 9  ? 1.418   -5.356  10.330  1.00 0.29 ? 9  DG  A N3     1 
ATOM   271 C C4     . DG  A 1 9  ? 1.687   -4.164  10.890  1.00 0.28 ? 9  DG  A C4     1 
ATOM   272 H "H5'"  . DG  A 1 9  ? -3.649  -2.301  12.849  1.00 0.51 ? 9  DG  A "H5'"  1 
ATOM   273 H "H5''" . DG  A 1 9  ? -4.040  -3.149  14.393  1.00 0.56 ? 9  DG  A "H5''" 1 
ATOM   274 H "H4'"  . DG  A 1 9  ? -2.962  -4.661  12.877  1.00 0.43 ? 9  DG  A "H4'"  1 
ATOM   275 H "H3'"  . DG  A 1 9  ? -1.828  -3.992  15.504  1.00 0.44 ? 9  DG  A "H3'"  1 
ATOM   276 H "H2'"  . DG  A 1 9  ? 0.184   -3.117  14.567  1.00 0.43 ? 9  DG  A "H2'"  1 
ATOM   277 H "H2''" . DG  A 1 9  ? 0.674   -4.856  14.619  1.00 0.43 ? 9  DG  A "H2''" 1 
ATOM   278 H "H1'"  . DG  A 1 9  ? -0.248  -5.230  12.381  1.00 0.33 ? 9  DG  A "H1'"  1 
ATOM   279 H H8     . DG  A 1 9  ? 1.290   -1.754  12.958  1.00 0.33 ? 9  DG  A H8     1 
ATOM   280 H H1     . DG  A 1 9  ? 3.870   -5.060  8.105   1.00 0.32 ? 9  DG  A H1     1 
ATOM   281 H H21    . DG  A 1 9  ? 2.642   -7.119  7.901   1.00 0.35 ? 9  DG  A H21    1 
ATOM   282 H H22    . DG  A 1 9  ? 1.305   -7.434  9.009   1.00 0.35 ? 9  DG  A H22    1 
ATOM   283 P P      . DC  A 1 10 ? -1.057  -7.150  15.367  1.00 0.49 ? 10 DC  A P      1 
ATOM   284 O OP1    . DC  A 1 10 ? -2.090  -8.066  15.897  1.00 0.62 ? 10 DC  A OP1    1 
ATOM   285 O OP2    . DC  A 1 10 ? 0.004   -6.688  16.292  1.00 0.54 ? 10 DC  A OP2    1 
ATOM   286 O "O5'"  . DC  A 1 10 ? -0.348  -7.861  14.109  1.00 0.49 ? 10 DC  A "O5'"  1 
ATOM   287 C "C5'"  . DC  A 1 10 ? -0.952  -8.588  13.015  1.00 0.47 ? 10 DC  A "C5'"  1 
ATOM   288 C "C4'"  . DC  A 1 10 ? 0.037   -9.507  12.273  1.00 0.45 ? 10 DC  A "C4'"  1 
ATOM   289 O "O4'"  . DC  A 1 10 ? 1.054   -8.716  11.579  1.00 0.43 ? 10 DC  A "O4'"  1 
ATOM   290 C "C3'"  . DC  A 1 10 ? 0.804   -10.434 13.213  1.00 0.50 ? 10 DC  A "C3'"  1 
ATOM   291 O "O3'"  . DC  A 1 10 ? 1.070   -11.691 12.595  1.00 0.53 ? 10 DC  A "O3'"  1 
ATOM   292 C "C2'"  . DC  A 1 10 ? 2.125   -9.709  13.426  1.00 0.50 ? 10 DC  A "C2'"  1 
ATOM   293 C "C1'"  . DC  A 1 10 ? 2.350   -9.087  12.046  1.00 0.45 ? 10 DC  A "C1'"  1 
ATOM   294 N N1     . DC  A 1 10 ? 3.205   -7.866  12.052  1.00 0.42 ? 10 DC  A N1     1 
ATOM   295 C C2     . DC  A 1 10 ? 4.351   -7.830  11.198  1.00 0.43 ? 10 DC  A C2     1 
ATOM   296 O O2     . DC  A 1 10 ? 4.655   -8.790  10.469  1.00 0.47 ? 10 DC  A O2     1 
ATOM   297 N N3     . DC  A 1 10 ? 5.138   -6.703  11.197  1.00 0.41 ? 10 DC  A N3     1 
ATOM   298 C C4     . DC  A 1 10 ? 4.839   -5.655  11.978  1.00 0.39 ? 10 DC  A C4     1 
ATOM   299 N N4     . DC  A 1 10 ? 5.636   -4.569  11.953  1.00 0.39 ? 10 DC  A N4     1 
ATOM   300 C C5     . DC  A 1 10 ? 3.698   -5.664  12.841  1.00 0.39 ? 10 DC  A C5     1 
ATOM   301 C C6     . DC  A 1 10 ? 2.919   -6.765  12.849  1.00 0.40 ? 10 DC  A C6     1 
ATOM   302 H "H5'"  . DC  A 1 10 ? -1.378  -7.861  12.288  1.00 0.46 ? 10 DC  A "H5'"  1 
ATOM   303 H "H5''" . DC  A 1 10 ? -1.789  -9.212  13.402  1.00 0.50 ? 10 DC  A "H5''" 1 
ATOM   304 H "H4'"  . DC  A 1 10 ? -0.520  -10.089 11.503  1.00 0.46 ? 10 DC  A "H4'"  1 
ATOM   305 H "H3'"  . DC  A 1 10 ? 0.263   -10.591 14.172  1.00 0.54 ? 10 DC  A "H3'"  1 
ATOM   306 H "HO3'" . DC  A 1 10 ? 1.516   -11.486 11.769  1.00 0.49 ? 10 DC  A "HO3'" 1 
ATOM   307 H "H2'"  . DC  A 1 10 ? 1.977   -8.920  14.197  1.00 0.50 ? 10 DC  A "H2'"  1 
ATOM   308 H "H2''" . DC  A 1 10 ? 2.951   -10.382 13.740  1.00 0.55 ? 10 DC  A "H2''" 1 
ATOM   309 H "H1'"  . DC  A 1 10 ? 2.719   -9.864  11.335  1.00 0.48 ? 10 DC  A "H1'"  1 
ATOM   310 H H41    . DC  A 1 10 ? 6.430   -4.591  11.333  1.00 0.41 ? 10 DC  A H41    1 
ATOM   311 H H42    . DC  A 1 10 ? 5.428   -3.776  12.520  1.00 0.39 ? 10 DC  A H42    1 
ATOM   312 H H5     . DC  A 1 10 ? 3.557   -4.755  13.429  1.00 0.39 ? 10 DC  A H5     1 
ATOM   313 H H6     . DC  A 1 10 ? 2.017   -6.901  13.459  1.00 0.41 ? 10 DC  A H6     1 
ATOM   314 O "O5'"  . DG  B 2 1  ? 14.344  -9.725  3.715   1.00 0.76 ? 11 DG  B "O5'"  1 
ATOM   315 C "C5'"  . DG  B 2 1  ? 14.113  -8.912  4.864   1.00 0.72 ? 11 DG  B "C5'"  1 
ATOM   316 C "C4'"  . DG  B 2 1  ? 12.625  -8.682  4.983   1.00 0.64 ? 11 DG  B "C4'"  1 
ATOM   317 O "O4'"  . DG  B 2 1  ? 12.285  -7.822  6.096   1.00 0.59 ? 11 DG  B "O4'"  1 
ATOM   318 C "C3'"  . DG  B 2 1  ? 12.121  -7.924  3.756   1.00 0.62 ? 11 DG  B "C3'"  1 
ATOM   319 O "O3'"  . DG  B 2 1  ? 11.452  -8.859  2.885   1.00 0.62 ? 11 DG  B "O3'"  1 
ATOM   320 C "C2'"  . DG  B 2 1  ? 11.217  -6.806  4.363   1.00 0.55 ? 11 DG  B "C2'"  1 
ATOM   321 C "C1'"  . DG  B 2 1  ? 10.994  -7.372  5.759   1.00 0.52 ? 11 DG  B "C1'"  1 
ATOM   322 N N9     . DG  B 2 1  ? 10.458  -6.455  6.791   1.00 0.48 ? 11 DG  B N9     1 
ATOM   323 C C8     . DG  B 2 1  ? 10.846  -5.204  7.153   1.00 0.49 ? 11 DG  B C8     1 
ATOM   324 N N7     . DG  B 2 1  ? 10.127  -4.670  8.123   1.00 0.46 ? 11 DG  B N7     1 
ATOM   325 C C5     . DG  B 2 1  ? 9.197   -5.644  8.433   1.00 0.43 ? 11 DG  B C5     1 
ATOM   326 C C6     . DG  B 2 1  ? 8.160   -5.649  9.400   1.00 0.41 ? 11 DG  B C6     1 
ATOM   327 O O6     . DG  B 2 1  ? 7.880   -4.734  10.186  1.00 0.42 ? 11 DG  B O6     1 
ATOM   328 N N1     . DG  B 2 1  ? 7.436   -6.859  9.379   1.00 0.41 ? 11 DG  B N1     1 
ATOM   329 C C2     . DG  B 2 1  ? 7.680   -7.930  8.534   1.00 0.41 ? 11 DG  B C2     1 
ATOM   330 N N2     . DG  B 2 1  ? 6.866   -8.976  8.706   1.00 0.42 ? 11 DG  B N2     1 
ATOM   331 N N3     . DG  B 2 1  ? 8.668   -7.896  7.637   1.00 0.43 ? 11 DG  B N3     1 
ATOM   332 C C4     . DG  B 2 1  ? 9.381   -6.756  7.623   1.00 0.44 ? 11 DG  B C4     1 
ATOM   333 H "H5'"  . DG  B 2 1  ? 14.643  -7.940  4.749   1.00 0.74 ? 11 DG  B "H5'"  1 
ATOM   334 H "H5''" . DG  B 2 1  ? 14.498  -9.425  5.773   1.00 0.75 ? 11 DG  B "H5''" 1 
ATOM   335 H "H4'"  . DG  B 2 1  ? 12.087  -9.647  5.133   1.00 0.63 ? 11 DG  B "H4'"  1 
ATOM   336 H "H3'"  . DG  B 2 1  ? 12.985  -7.488  3.197   1.00 0.68 ? 11 DG  B "H3'"  1 
ATOM   337 H "H2'"  . DG  B 2 1  ? 11.731  -5.826  4.436   1.00 0.57 ? 11 DG  B "H2'"  1 
ATOM   338 H "H2''" . DG  B 2 1  ? 10.289  -6.615  3.802   1.00 0.52 ? 11 DG  B "H2''" 1 
ATOM   339 H "H1'"  . DG  B 2 1  ? 10.336  -8.269  5.671   1.00 0.51 ? 11 DG  B "H1'"  1 
ATOM   340 H H8     . DG  B 2 1  ? 11.687  -4.750  6.630   1.00 0.52 ? 11 DG  B H8     1 
ATOM   341 H H1     . DG  B 2 1  ? 6.674   -6.922  10.046  1.00 0.41 ? 11 DG  B H1     1 
ATOM   342 H H21    . DG  B 2 1  ? 6.119   -8.967  9.382   1.00 0.42 ? 11 DG  B H21    1 
ATOM   343 H H22    . DG  B 2 1  ? 7.038   -9.733  8.081   1.00 0.43 ? 11 DG  B H22    1 
ATOM   344 H "HO5'" . DG  B 2 1  ? 13.552  -9.634  3.160   1.00 0.73 ? 11 DG  B "HO5'" 1 
ATOM   345 P P      . DC  B 2 2  ? 10.053  -8.920  2.078   1.00 0.59 ? 12 DC  B P      1 
ATOM   346 O OP1    . DC  B 2 2  ? 10.160  -9.999  1.074   1.00 0.65 ? 12 DC  B OP1    1 
ATOM   347 O OP2    . DC  B 2 2  ? 9.727   -7.558  1.595   1.00 0.59 ? 12 DC  B OP2    1 
ATOM   348 O "O5'"  . DC  B 2 2  ? 9.010   -9.344  3.231   1.00 0.51 ? 12 DC  B "O5'"  1 
ATOM   349 C "C5'"  . DC  B 2 2  ? 8.857   -10.595 3.947   1.00 0.50 ? 12 DC  B "C5'"  1 
ATOM   350 C "C4'"  . DC  B 2 2  ? 7.469   -10.809 4.592   1.00 0.45 ? 12 DC  B "C4'"  1 
ATOM   351 O "O4'"  . DC  B 2 2  ? 7.158   -9.740  5.527   1.00 0.40 ? 12 DC  B "O4'"  1 
ATOM   352 C "C3'"  . DC  B 2 2  ? 6.326   -10.826 3.592   1.00 0.44 ? 12 DC  B "C3'"  1 
ATOM   353 O "O3'"  . DC  B 2 2  ? 5.260   -11.672 4.076   1.00 0.43 ? 12 DC  B "O3'"  1 
ATOM   354 C "C2'"  . DC  B 2 2  ? 5.891   -9.356  3.582   1.00 0.41 ? 12 DC  B "C2'"  1 
ATOM   355 C "C1'"  . DC  B 2 2  ? 5.979   -9.078  5.083   1.00 0.36 ? 12 DC  B "C1'"  1 
ATOM   356 N N1     . DC  B 2 2  ? 6.063   -7.668  5.568   1.00 0.34 ? 12 DC  B N1     1 
ATOM   357 C C2     . DC  B 2 2  ? 5.197   -7.232  6.621   1.00 0.31 ? 12 DC  B C2     1 
ATOM   358 O O2     . DC  B 2 2  ? 4.345   -7.978  7.137   1.00 0.31 ? 12 DC  B O2     1 
ATOM   359 N N3     . DC  B 2 2  ? 5.316   -5.939  7.070   1.00 0.31 ? 12 DC  B N3     1 
ATOM   360 C C4     . DC  B 2 2  ? 6.202   -5.101  6.550   1.00 0.33 ? 12 DC  B C4     1 
ATOM   361 N N4     . DC  B 2 2  ? 6.217   -3.864  7.065   1.00 0.33 ? 12 DC  B N4     1 
ATOM   362 C C5     . DC  B 2 2  ? 7.090   -5.516  5.501   1.00 0.36 ? 12 DC  B C5     1 
ATOM   363 C C6     . DC  B 2 2  ? 6.988   -6.781  5.057   1.00 0.37 ? 12 DC  B C6     1 
ATOM   364 H "H5'"  . DC  B 2 2  ? 9.612   -10.628 4.761   1.00 0.51 ? 12 DC  B "H5'"  1 
ATOM   365 H "H5''" . DC  B 2 2  ? 9.052   -11.446 3.256   1.00 0.55 ? 12 DC  B "H5''" 1 
ATOM   366 H "H4'"  . DC  B 2 2  ? 7.461   -11.747 5.181   1.00 0.46 ? 12 DC  B "H4'"  1 
ATOM   367 H "H3'"  . DC  B 2 2  ? 6.671   -11.204 2.609   1.00 0.49 ? 12 DC  B "H3'"  1 
ATOM   368 H "H2'"  . DC  B 2 2  ? 6.598   -8.731  2.983   1.00 0.44 ? 12 DC  B "H2'"  1 
ATOM   369 H "H2''" . DC  B 2 2  ? 4.852   -9.268  3.204   1.00 0.43 ? 12 DC  B "H2''" 1 
ATOM   370 H "H1'"  . DC  B 2 2  ? 5.127   -9.631  5.505   1.00 0.35 ? 12 DC  B "H1'"  1 
ATOM   371 H H41    . DC  B 2 2  ? 5.569   -3.643  7.798   1.00 0.33 ? 12 DC  B H41    1 
ATOM   372 H H42    . DC  B 2 2  ? 6.832   -3.174  6.751   1.00 0.36 ? 12 DC  B H42    1 
ATOM   373 H H5     . DC  B 2 2  ? 7.811   -4.809  5.097   1.00 0.39 ? 12 DC  B H5     1 
ATOM   374 H H6     . DC  B 2 2  ? 7.605   -7.208  4.279   1.00 0.41 ? 12 DC  B H6     1 
ATOM   375 P P      . DG  B 2 3  ? 4.067   -12.345 3.237   1.00 0.45 ? 13 DG  B P      1 
ATOM   376 O OP1    . DG  B 2 3  ? 3.646   -13.585 3.934   1.00 0.48 ? 13 DG  B OP1    1 
ATOM   377 O OP2    . DG  B 2 3  ? 4.476   -12.472 1.820   1.00 0.49 ? 13 DG  B OP2    1 
ATOM   378 O "O5'"  . DG  B 2 3  ? 2.914   -11.224 3.378   1.00 0.43 ? 13 DG  B "O5'"  1 
ATOM   379 C "C5'"  . DG  B 2 3  ? 1.935   -11.098 4.432   1.00 0.43 ? 13 DG  B "C5'"  1 
ATOM   380 C "C4'"  . DG  B 2 3  ? 1.132   -9.789  4.368   1.00 0.41 ? 13 DG  B "C4'"  1 
ATOM   381 O "O4'"  . DG  B 2 3  ? 1.892   -8.658  4.923   1.00 0.38 ? 13 DG  B "O4'"  1 
ATOM   382 C "C3'"  . DG  B 2 3  ? 0.779   -9.370  2.923   1.00 0.44 ? 13 DG  B "C3'"  1 
ATOM   383 O "O3'"  . DG  B 2 3  ? -0.617  -9.011  2.813   1.00 0.45 ? 13 DG  B "O3'"  1 
ATOM   384 C "C2'"  . DG  B 2 3  ? 1.641   -8.115  2.751   1.00 0.43 ? 13 DG  B "C2'"  1 
ATOM   385 C "C1'"  . DG  B 2 3  ? 1.480   -7.545  4.160   1.00 0.38 ? 13 DG  B "C1'"  1 
ATOM   386 N N9     . DG  B 2 3  ? 2.250   -6.311  4.476   1.00 0.37 ? 13 DG  B N9     1 
ATOM   387 C C8     . DG  B 2 3  ? 3.448   -5.905  3.986   1.00 0.38 ? 13 DG  B C8     1 
ATOM   388 N N7     . DG  B 2 3  ? 3.877   -4.749  4.443   1.00 0.37 ? 13 DG  B N7     1 
ATOM   389 C C5     . DG  B 2 3  ? 2.889   -4.350  5.309   1.00 0.37 ? 13 DG  B C5     1 
ATOM   390 C C6     . DG  B 2 3  ? 2.814   -3.187  6.085   1.00 0.38 ? 13 DG  B C6     1 
ATOM   391 O O6     . DG  B 2 3  ? 3.668   -2.298  6.128   1.00 0.38 ? 13 DG  B O6     1 
ATOM   392 N N1     . DG  B 2 3  ? 1.633   -3.125  6.847   1.00 0.42 ? 13 DG  B N1     1 
ATOM   393 C C2     . DG  B 2 3  ? 0.633   -4.106  6.855   1.00 0.44 ? 13 DG  B C2     1 
ATOM   394 N N2     . DG  B 2 3  ? -0.425  -3.884  7.653   1.00 0.50 ? 13 DG  B N2     1 
ATOM   395 N N3     . DG  B 2 3  ? 0.734   -5.210  6.096   1.00 0.41 ? 13 DG  B N3     1 
ATOM   396 C C4     . DG  B 2 3  ? 1.861   -5.285  5.355   1.00 0.37 ? 13 DG  B C4     1 
ATOM   397 H "H5'"  . DG  B 2 3  ? 2.420   -11.189 5.430   1.00 0.42 ? 13 DG  B "H5'"  1 
ATOM   398 H "H5''" . DG  B 2 3  ? 1.212   -11.939 4.332   1.00 0.47 ? 13 DG  B "H5''" 1 
ATOM   399 H "H4'"  . DG  B 2 3  ? 0.215   -9.892  4.987   1.00 0.40 ? 13 DG  B "H4'"  1 
ATOM   400 H "H3'"  . DG  B 2 3  ? 1.041   -10.152 2.173   1.00 0.49 ? 13 DG  B "H3'"  1 
ATOM   401 H "H2'"  . DG  B 2 3  ? 2.692   -8.417  2.565   1.00 0.45 ? 13 DG  B "H2'"  1 
ATOM   402 H "H2''" . DG  B 2 3  ? 1.326   -7.480  1.911   1.00 0.45 ? 13 DG  B "H2''" 1 
ATOM   403 H "H1'"  . DG  B 2 3  ? 0.411   -7.381  4.430   1.00 0.38 ? 13 DG  B "H1'"  1 
ATOM   404 H H8     . DG  B 2 3  ? 3.948   -6.547  3.270   1.00 0.41 ? 13 DG  B H8     1 
ATOM   405 H H1     . DG  B 2 3  ? 1.596   -2.283  7.426   1.00 0.46 ? 13 DG  B H1     1 
ATOM   406 H H21    . DG  B 2 3  ? -0.490  -3.058  8.225   1.00 0.55 ? 13 DG  B H21    1 
ATOM   407 H H22    . DG  B 2 3  ? -1.123  -4.593  7.622   1.00 0.53 ? 13 DG  B H22    1 
ATOM   408 P P      . DT  B 2 4  ? -1.595  -8.957  1.532   1.00 0.45 ? 14 DT  B P      1 
ATOM   409 O OP1    . DT  B 2 4  ? -1.880  -10.337 1.081   1.00 0.64 ? 14 DT  B OP1    1 
ATOM   410 O OP2    . DT  B 2 4  ? -1.022  -8.003  0.547   1.00 0.46 ? 14 DT  B OP2    1 
ATOM   411 O "O5'"  . DT  B 2 4  ? -2.941  -8.315  2.143   1.00 0.49 ? 14 DT  B "O5'"  1 
ATOM   412 C "C5'"  . DT  B 2 4  ? -3.598  -8.523  3.419   1.00 0.47 ? 14 DT  B "C5'"  1 
ATOM   413 C "C4'"  . DT  B 2 4  ? -3.873  -7.201  4.154   1.00 0.42 ? 14 DT  B "C4'"  1 
ATOM   414 O "O4'"  . DT  B 2 4  ? -2.644  -6.413  4.212   1.00 0.42 ? 14 DT  B "O4'"  1 
ATOM   415 C "C3'"  . DT  B 2 4  ? -4.906  -6.365  3.399   1.00 0.41 ? 14 DT  B "C3'"  1 
ATOM   416 O "O3'"  . DT  B 2 4  ? -6.110  -6.163  4.177   1.00 0.53 ? 14 DT  B "O3'"  1 
ATOM   417 C "C2'"  . DT  B 2 4  ? -4.191  -4.997  3.185   1.00 0.48 ? 14 DT  B "C2'"  1 
ATOM   418 C "C1'"  . DT  B 2 4  ? -2.978  -5.049  4.161   1.00 0.43 ? 14 DT  B "C1'"  1 
ATOM   419 N N1     . DT  B 2 4  ? -1.776  -4.280  3.693   1.00 0.36 ? 14 DT  B N1     1 
ATOM   420 C C2     . DT  B 2 4  ? -1.458  -3.094  4.409   1.00 0.40 ? 14 DT  B C2     1 
ATOM   421 O O2     . DT  B 2 4  ? -2.083  -2.647  5.378   1.00 0.51 ? 14 DT  B O2     1 
ATOM   422 N N3     . DT  B 2 4  ? -0.329  -2.432  3.927   1.00 0.35 ? 14 DT  B N3     1 
ATOM   423 C C4     . DT  B 2 4  ? 0.495   -2.787  2.858   1.00 0.32 ? 14 DT  B C4     1 
ATOM   424 O O4     . DT  B 2 4  ? 1.468   -2.074  2.564   1.00 0.34 ? 14 DT  B O4     1 
ATOM   425 C C5     . DT  B 2 4  ? 0.105   -4.010  2.170   1.00 0.34 ? 14 DT  B C5     1 
ATOM   426 C C7     . DT  B 2 4  ? 0.915   -4.476  1.012   1.00 0.45 ? 14 DT  B C7     1 
ATOM   427 C C6     . DT  B 2 4  ? -0.987  -4.689  2.603   1.00 0.34 ? 14 DT  B C6     1 
ATOM   428 H "H5'"  . DT  B 2 4  ? -2.969  -9.167  4.075   1.00 0.50 ? 14 DT  B "H5'"  1 
ATOM   429 H "H5''" . DT  B 2 4  ? -4.571  -9.032  3.246   1.00 0.50 ? 14 DT  B "H5''" 1 
ATOM   430 H "H4'"  . DT  B 2 4  ? -4.201  -7.380  5.199   1.00 0.41 ? 14 DT  B "H4'"  1 
ATOM   431 H "H3'"  . DT  B 2 4  ? -5.185  -6.959  2.485   1.00 0.44 ? 14 DT  B "H3'"  1 
ATOM   432 H "H2'"  . DT  B 2 4  ? -3.895  -4.779  2.119   1.00 0.58 ? 14 DT  B "H2'"  1 
ATOM   433 H "H2''" . DT  B 2 4  ? -4.899  -4.174  3.440   1.00 0.72 ? 14 DT  B "H2''" 1 
ATOM   434 H "H1'"  . DT  B 2 4  ? -3.207  -4.848  5.257   1.00 0.59 ? 14 DT  B "H1'"  1 
ATOM   435 H H3     . DT  B 2 4  ? -0.063  -1.583  4.416   1.00 0.40 ? 14 DT  B H3     1 
ATOM   436 H H71    . DT  B 2 4  ? 1.229   -3.615  0.375   1.00 0.96 ? 14 DT  B H71    1 
ATOM   437 H H72    . DT  B 2 4  ? 1.829   -4.989  1.392   1.00 1.19 ? 14 DT  B H72    1 
ATOM   438 H H73    . DT  B 2 4  ? 0.340   -5.202  0.377   1.00 0.97 ? 14 DT  B H73    1 
ATOM   439 H H6     . DT  B 2 4  ? -1.311  -5.610  2.113   1.00 0.38 ? 14 DT  B H6     1 
ATOM   440 P P      . DG  B 2 5  ? -7.480  -5.483  3.660   1.00 0.48 ? 15 DG  B P      1 
ATOM   441 O OP1    . DG  B 2 5  ? -8.635  -6.297  4.104   1.00 0.51 ? 15 DG  B OP1    1 
ATOM   442 O OP2    . DG  B 2 5  ? -7.355  -5.159  2.221   1.00 0.51 ? 15 DG  B OP2    1 
ATOM   443 O "O5'"  . DG  B 2 5  ? -7.484  -4.071  4.422   1.00 0.43 ? 15 DG  B "O5'"  1 
ATOM   444 C "C5'"  . DG  B 2 5  ? -7.584  -3.770  5.829   1.00 0.43 ? 15 DG  B "C5'"  1 
ATOM   445 C "C4'"  . DG  B 2 5  ? -7.421  -2.279  6.177   1.00 0.40 ? 15 DG  B "C4'"  1 
ATOM   446 O "O4'"  . DG  B 2 5  ? -6.179  -1.763  5.633   1.00 0.36 ? 15 DG  B "O4'"  1 
ATOM   447 C "C3'"  . DG  B 2 5  ? -8.486  -1.348  5.629   1.00 0.40 ? 15 DG  B "C3'"  1 
ATOM   448 O "O3'"  . DG  B 2 5  ? -8.644  -0.177  6.449   1.00 0.40 ? 15 DG  B "O3'"  1 
ATOM   449 C "C2'"  . DG  B 2 5  ? -7.969  -0.990  4.275   1.00 0.38 ? 15 DG  B "C2'"  1 
ATOM   450 C "C1'"  . DG  B 2 5  ? -6.478  -0.798  4.626   1.00 0.36 ? 15 DG  B "C1'"  1 
ATOM   451 N N9     . DG  B 2 5  ? -5.467  -1.044  3.578   1.00 0.34 ? 15 DG  B N9     1 
ATOM   452 C C8     . DG  B 2 5  ? -5.422  -2.028  2.639   1.00 0.36 ? 15 DG  B C8     1 
ATOM   453 N N7     . DG  B 2 5  ? -4.363  -1.994  1.861   1.00 0.36 ? 15 DG  B N7     1 
ATOM   454 C C5     . DG  B 2 5  ? -3.647  -0.916  2.318   1.00 0.34 ? 15 DG  B C5     1 
ATOM   455 C C6     . DG  B 2 5  ? -2.428  -0.402  1.855   1.00 0.34 ? 15 DG  B C6     1 
ATOM   456 O O6     . DG  B 2 5  ? -1.756  -0.857  0.921   1.00 0.37 ? 15 DG  B O6     1 
ATOM   457 N N1     . DG  B 2 5  ? -2.028  0.728   2.594   1.00 0.34 ? 15 DG  B N1     1 
ATOM   458 C C2     . DG  B 2 5  ? -2.712  1.300   3.652   1.00 0.34 ? 15 DG  B C2     1 
ATOM   459 N N2     . DG  B 2 5  ? -2.065  2.373   4.138   1.00 0.37 ? 15 DG  B N2     1 
ATOM   460 N N3     . DG  B 2 5  ? -3.877  0.792   4.079   1.00 0.33 ? 15 DG  B N3     1 
ATOM   461 C C4     . DG  B 2 5  ? -4.296  -0.301  3.387   1.00 0.33 ? 15 DG  B C4     1 
ATOM   462 H "H5'"  . DG  B 2 5  ? -6.770  -4.303  6.365   1.00 0.42 ? 15 DG  B "H5'"  1 
ATOM   463 H "H5''" . DG  B 2 5  ? -8.557  -4.130  6.224   1.00 0.47 ? 15 DG  B "H5''" 1 
ATOM   464 H "H4'"  . DG  B 2 5  ? -7.378  -2.220  7.280   1.00 0.41 ? 15 DG  B "H4'"  1 
ATOM   465 H "H3'"  . DG  B 2 5  ? -9.444  -1.832  5.442   1.00 0.42 ? 15 DG  B "H3'"  1 
ATOM   466 H "H2'"  . DG  B 2 5  ? -8.257  -1.867  3.680   1.00 0.40 ? 15 DG  B "H2'"  1 
ATOM   467 H "H2''" . DG  B 2 5  ? -8.536  -0.132  3.867   1.00 0.38 ? 15 DG  B "H2''" 1 
ATOM   468 H "H1'"  . DG  B 2 5  ? -6.346  0.201   5.100   1.00 0.36 ? 15 DG  B "H1'"  1 
ATOM   469 H H8     . DG  B 2 5  ? -6.218  -2.772  2.588   1.00 0.40 ? 15 DG  B H8     1 
ATOM   470 H H1     . DG  B 2 5  ? -1.158  1.132   2.302   1.00 0.35 ? 15 DG  B H1     1 
ATOM   471 H H21    . DG  B 2 5  ? -1.194  2.637   3.731   1.00 0.37 ? 15 DG  B H21    1 
ATOM   472 H H22    . DG  B 2 5  ? -2.427  2.884   4.915   1.00 0.38 ? 15 DG  B H22    1 
ATOM   473 P P      . DA  B 2 6  ? -9.826  0.895   6.382   1.00 0.39 ? 16 DA  B P      1 
ATOM   474 O OP1    . DA  B 2 6  ? -9.857  1.635   7.664   1.00 0.44 ? 16 DA  B OP1    1 
ATOM   475 O OP2    . DA  B 2 6  ? -11.073 0.210   5.974   1.00 0.42 ? 16 DA  B OP2    1 
ATOM   476 O "O5'"  . DA  B 2 6  ? -9.339  1.890   5.213   1.00 0.36 ? 16 DA  B "O5'"  1 
ATOM   477 C "C5'"  . DA  B 2 6  ? -8.424  2.995   5.372   1.00 0.43 ? 16 DA  B "C5'"  1 
ATOM   478 C "C4'"  . DA  B 2 6  ? -7.921  3.563   4.044   1.00 0.47 ? 16 DA  B "C4'"  1 
ATOM   479 O "O4'"  . DA  B 2 6  ? -6.889  2.715   3.458   1.00 0.44 ? 16 DA  B "O4'"  1 
ATOM   480 C "C3'"  . DA  B 2 6  ? -9.007  3.687   2.949   1.00 0.50 ? 16 DA  B "C3'"  1 
ATOM   481 O "O3'"  . DA  B 2 6  ? -9.204  5.072   2.579   1.00 0.61 ? 16 DA  B "O3'"  1 
ATOM   482 C "C2'"  . DA  B 2 6  ? -8.442  2.823   1.805   1.00 0.49 ? 16 DA  B "C2'"  1 
ATOM   483 C "C1'"  . DA  B 2 6  ? -6.967  3.013   2.092   1.00 0.47 ? 16 DA  B "C1'"  1 
ATOM   484 N N9     . DA  B 2 6  ? -5.971  2.295   1.269   1.00 0.47 ? 16 DA  B N9     1 
ATOM   485 C C8     . DA  B 2 6  ? -5.992  1.043   0.742   1.00 0.49 ? 16 DA  B C8     1 
ATOM   486 N N7     . DA  B 2 6  ? -4.932  0.730   0.031   1.00 0.52 ? 16 DA  B N7     1 
ATOM   487 C C5     . DA  B 2 6  ? -4.153  1.857   0.096   1.00 0.52 ? 16 DA  B C5     1 
ATOM   488 C C6     . DA  B 2 6  ? -2.891  2.134   -0.463  1.00 0.55 ? 16 DA  B C6     1 
ATOM   489 N N6     . DA  B 2 6  ? -2.236  1.226   -1.210  1.00 0.59 ? 16 DA  B N6     1 
ATOM   490 N N1     . DA  B 2 6  ? -2.374  3.356   -0.218  1.00 0.57 ? 16 DA  B N1     1 
ATOM   491 C C2     . DA  B 2 6  ? -3.063  4.224   0.526   1.00 0.56 ? 16 DA  B C2     1 
ATOM   492 N N3     . DA  B 2 6  ? -4.249  4.063   1.107   1.00 0.53 ? 16 DA  B N3     1 
ATOM   493 C C4     . DA  B 2 6  ? -4.753  2.840   0.846   1.00 0.50 ? 16 DA  B C4     1 
ATOM   494 H "H5'"  . DA  B 2 6  ? -7.545  2.687   5.984   1.00 0.46 ? 16 DA  B "H5'"  1 
ATOM   495 H "H5''" . DA  B 2 6  ? -8.952  3.812   5.909   1.00 0.49 ? 16 DA  B "H5''" 1 
ATOM   496 H "H4'"  . DA  B 2 6  ? -7.432  4.545   4.224   1.00 0.56 ? 16 DA  B "H4'"  1 
ATOM   497 H "H3'"  . DA  B 2 6  ? -9.975  3.255   3.275   1.00 0.49 ? 16 DA  B "H3'"  1 
ATOM   498 H "H2'"  . DA  B 2 6  ? -8.790  1.793   1.987   1.00 0.47 ? 16 DA  B "H2'"  1 
ATOM   499 H "H2''" . DA  B 2 6  ? -8.748  3.130   0.789   1.00 0.55 ? 16 DA  B "H2''" 1 
ATOM   500 H "H1'"  . DA  B 2 6  ? -6.781  4.098   1.988   1.00 0.52 ? 16 DA  B "H1'"  1 
ATOM   501 H H8     . DA  B 2 6  ? -6.848  0.409   0.920   1.00 0.50 ? 16 DA  B H8     1 
ATOM   502 H H61    . DA  B 2 6  ? -1.349  1.480   -1.582  1.00 0.62 ? 16 DA  B H61    1 
ATOM   503 H H62    . DA  B 2 6  ? -2.675  0.338   -1.342  1.00 0.61 ? 16 DA  B H62    1 
ATOM   504 H H2     . DA  B 2 6  ? -2.584  5.192   0.689   1.00 0.60 ? 16 DA  B H2     1 
ATOM   505 P P      . DT  B 2 7  ? -9.560  5.857   1.214   1.00 0.67 ? 17 DT  B P      1 
ATOM   506 O OP1    . DT  B 2 7  ? -10.160 7.166   1.555   1.00 0.80 ? 17 DT  B OP1    1 
ATOM   507 O OP2    . DT  B 2 7  ? -10.347 4.966   0.326   1.00 0.80 ? 17 DT  B OP2    1 
ATOM   508 O "O5'"  . DT  B 2 7  ? -8.105  6.128   0.593   1.00 0.47 ? 17 DT  B "O5'"  1 
ATOM   509 C "C5'"  . DT  B 2 7  ? -7.181  7.126   1.097   1.00 0.41 ? 17 DT  B "C5'"  1 
ATOM   510 C "C4'"  . DT  B 2 7  ? -6.191  7.604   0.043   1.00 0.33 ? 17 DT  B "C4'"  1 
ATOM   511 O "O4'"  . DT  B 2 7  ? -5.437  6.477   -0.496  1.00 0.32 ? 17 DT  B "O4'"  1 
ATOM   512 C "C3'"  . DT  B 2 7  ? -6.870  8.279   -1.137  1.00 0.32 ? 17 DT  B "C3'"  1 
ATOM   513 O "O3'"  . DT  B 2 7  ? -6.142  9.483   -1.413  1.00 0.56 ? 17 DT  B "O3'"  1 
ATOM   514 C "C2'"  . DT  B 2 7  ? -6.670  7.293   -2.307  1.00 0.23 ? 17 DT  B "C2'"  1 
ATOM   515 C "C1'"  . DT  B 2 7  ? -5.334  6.619   -1.891  1.00 0.25 ? 17 DT  B "C1'"  1 
ATOM   516 N N1     . DT  B 2 7  ? -4.989  5.253   -2.431  1.00 0.23 ? 17 DT  B N1     1 
ATOM   517 C C2     . DT  B 2 7  ? -3.709  5.109   -3.051  1.00 0.24 ? 17 DT  B C2     1 
ATOM   518 O O2     . DT  B 2 7  ? -2.880  6.018   -3.191  1.00 0.26 ? 17 DT  B O2     1 
ATOM   519 N N3     . DT  B 2 7  ? -3.438  3.826   -3.526  1.00 0.25 ? 17 DT  B N3     1 
ATOM   520 C C4     . DT  B 2 7  ? -4.261  2.690   -3.450  1.00 0.25 ? 17 DT  B C4     1 
ATOM   521 O O4     . DT  B 2 7  ? -3.884  1.601   -3.907  1.00 0.28 ? 17 DT  B O4     1 
ATOM   522 C C5     . DT  B 2 7  ? -5.545  2.911   -2.791  1.00 0.24 ? 17 DT  B C5     1 
ATOM   523 C C7     . DT  B 2 7  ? -6.508  1.785   -2.659  1.00 0.26 ? 17 DT  B C7     1 
ATOM   524 C C6     . DT  B 2 7  ? -5.847  4.145   -2.319  1.00 0.22 ? 17 DT  B C6     1 
ATOM   525 H "H5'"  . DT  B 2 7  ? -6.603  6.704   1.950   1.00 0.49 ? 17 DT  B "H5'"  1 
ATOM   526 H "H5''" . DT  B 2 7  ? -7.731  8.028   1.458   1.00 0.48 ? 17 DT  B "H5''" 1 
ATOM   527 H "H4'"  . DT  B 2 7  ? -5.463  8.300   0.519   1.00 0.43 ? 17 DT  B "H4'"  1 
ATOM   528 H "H3'"  . DT  B 2 7  ? -7.936  8.519   -0.891  1.00 0.35 ? 17 DT  B "H3'"  1 
ATOM   529 H "H2'"  . DT  B 2 7  ? -7.539  6.612   -2.407  1.00 0.27 ? 17 DT  B "H2'"  1 
ATOM   530 H "H2''" . DT  B 2 7  ? -6.589  7.894   -3.238  1.00 0.26 ? 17 DT  B "H2''" 1 
ATOM   531 H "H1'"  . DT  B 2 7  ? -4.500  7.359   -2.038  1.00 0.27 ? 17 DT  B "H1'"  1 
ATOM   532 H H3     . DT  B 2 7  ? -2.532  3.721   -3.958  1.00 0.27 ? 17 DT  B H3     1 
ATOM   533 H H71    . DT  B 2 7  ? -6.594  1.235   -3.623  1.00 0.98 ? 17 DT  B H71    1 
ATOM   534 H H72    . DT  B 2 7  ? -6.188  1.034   -1.918  1.00 1.11 ? 17 DT  B H72    1 
ATOM   535 H H73    . DT  B 2 7  ? -7.528  2.138   -2.353  1.00 0.98 ? 17 DT  B H73    1 
ATOM   536 H H6     . DT  B 2 7  ? -6.805  4.290   -1.815  1.00 0.23 ? 17 DT  B H6     1 
ATOM   537 P P      . DG  B 2 8  ? -6.421  10.929  -2.047  1.00 0.45 ? 18 DG  B P      1 
ATOM   538 O OP1    . DG  B 2 8  ? -5.510  11.894  -1.378  1.00 0.85 ? 18 DG  B OP1    1 
ATOM   539 O OP2    . DG  B 2 8  ? -7.871  11.227  -1.999  1.00 0.96 ? 18 DG  B OP2    1 
ATOM   540 O "O5'"  . DG  B 2 8  ? -5.944  10.701  -3.577  1.00 0.41 ? 18 DG  B "O5'"  1 
ATOM   541 C "C5'"  . DG  B 2 8  ? -4.605  10.973  -4.050  1.00 0.39 ? 18 DG  B "C5'"  1 
ATOM   542 C "C4'"  . DG  B 2 8  ? -4.232  10.266  -5.359  1.00 0.35 ? 18 DG  B "C4'"  1 
ATOM   543 O "O4'"  . DG  B 2 8  ? -4.235  8.820   -5.217  1.00 0.29 ? 18 DG  B "O4'"  1 
ATOM   544 C "C3'"  . DG  B 2 8  ? -5.198  10.539  -6.521  1.00 0.37 ? 18 DG  B "C3'"  1 
ATOM   545 O "O3'"  . DG  B 2 8  ? -4.595  11.445  -7.471  1.00 0.42 ? 18 DG  B "O3'"  1 
ATOM   546 C "C2'"  . DG  B 2 8  ? -5.490  9.132   -7.102  1.00 0.32 ? 18 DG  B "C2'"  1 
ATOM   547 C "C1'"  . DG  B 2 8  ? -4.333  8.330   -6.536  1.00 0.27 ? 18 DG  B "C1'"  1 
ATOM   548 N N9     . DG  B 2 8  ? -4.510  6.864   -6.504  1.00 0.21 ? 18 DG  B N9     1 
ATOM   549 C C8     . DG  B 2 8  ? -5.613  6.129   -6.231  1.00 0.19 ? 18 DG  B C8     1 
ATOM   550 N N7     . DG  B 2 8  ? -5.431  4.824   -6.286  1.00 0.17 ? 18 DG  B N7     1 
ATOM   551 C C5     . DG  B 2 8  ? -4.099  4.692   -6.619  1.00 0.16 ? 18 DG  B C5     1 
ATOM   552 C C6     . DG  B 2 8  ? -3.325  3.533   -6.820  1.00 0.16 ? 18 DG  B C6     1 
ATOM   553 O O6     . DG  B 2 8  ? -3.731  2.371   -6.724  1.00 0.18 ? 18 DG  B O6     1 
ATOM   554 N N1     . DG  B 2 8  ? -1.989  3.835   -7.161  1.00 0.17 ? 18 DG  B N1     1 
ATOM   555 C C2     . DG  B 2 8  ? -1.466  5.132   -7.281  1.00 0.20 ? 18 DG  B C2     1 
ATOM   556 N N2     . DG  B 2 8  ? -0.175  5.283   -7.600  1.00 0.23 ? 18 DG  B N2     1 
ATOM   557 N N3     . DG  B 2 8  ? -2.229  6.200   -7.076  1.00 0.21 ? 18 DG  B N3     1 
ATOM   558 C C4     . DG  B 2 8  ? -3.507  5.938   -6.757  1.00 0.18 ? 18 DG  B C4     1 
ATOM   559 H "H5'"  . DG  B 2 8  ? -3.850  10.685  -3.282  1.00 0.41 ? 18 DG  B "H5'"  1 
ATOM   560 H "H5''" . DG  B 2 8  ? -4.517  12.067  -4.222  1.00 0.42 ? 18 DG  B "H5''" 1 
ATOM   561 H "H4'"  . DG  B 2 8  ? -3.196  10.558  -5.638  1.00 0.37 ? 18 DG  B "H4'"  1 
ATOM   562 H "H3'"  . DG  B 2 8  ? -6.141  10.986  -6.136  1.00 0.40 ? 18 DG  B "H3'"  1 
ATOM   563 H "H2'"  . DG  B 2 8  ? -6.451  8.769   -6.680  1.00 0.33 ? 18 DG  B "H2'"  1 
ATOM   564 H "H2''" . DG  B 2 8  ? -5.532  9.068   -8.207  1.00 0.35 ? 18 DG  B "H2''" 1 
ATOM   565 H "H1'"  . DG  B 2 8  ? -3.385  8.593   -7.059  1.00 0.28 ? 18 DG  B "H1'"  1 
ATOM   566 H H8     . DG  B 2 8  ? -6.530  6.665   -6.005  1.00 0.22 ? 18 DG  B H8     1 
ATOM   567 H H1     . DG  B 2 8  ? -1.415  2.999   -7.299  1.00 0.19 ? 18 DG  B H1     1 
ATOM   568 H H21    . DG  B 2 8  ? 0.432   4.492   -7.751  1.00 0.24 ? 18 DG  B H21    1 
ATOM   569 H H22    . DG  B 2 8  ? 0.103   6.235   -7.672  1.00 0.27 ? 18 DG  B H22    1 
ATOM   570 P P      . DC  B 2 9  ? -4.496  11.588  -9.072  1.00 0.47 ? 19 DC  B P      1 
ATOM   571 O OP1    . DC  B 2 9  ? -4.145  12.987  -9.400  1.00 0.54 ? 19 DC  B OP1    1 
ATOM   572 O OP2    . DC  B 2 9  ? -5.720  11.031  -9.699  1.00 0.48 ? 19 DC  B OP2    1 
ATOM   573 O "O5'"  . DC  B 2 9  ? -3.242  10.645  -9.424  1.00 0.42 ? 19 DC  B "O5'"  1 
ATOM   574 C "C5'"  . DC  B 2 9  ? -1.858  10.874  -9.066  1.00 0.42 ? 19 DC  B "C5'"  1 
ATOM   575 C "C4'"  . DC  B 2 9  ? -0.882  9.904   -9.750  1.00 0.40 ? 19 DC  B "C4'"  1 
ATOM   576 O "O4'"  . DC  B 2 9  ? -1.213  8.529   -9.408  1.00 0.34 ? 19 DC  B "O4'"  1 
ATOM   577 C "C3'"  . DC  B 2 9  ? -0.930  10.007  -11.269 1.00 0.44 ? 19 DC  B "C3'"  1 
ATOM   578 O "O3'"  . DC  B 2 9  ? 0.390   9.872   -11.827 1.00 0.49 ? 19 DC  B "O3'"  1 
ATOM   579 C "C2'"  . DC  B 2 9  ? -1.811  8.817   -11.664 1.00 0.40 ? 19 DC  B "C2'"  1 
ATOM   580 C "C1'"  . DC  B 2 9  ? -1.380  7.796   -10.608 1.00 0.34 ? 19 DC  B "C1'"  1 
ATOM   581 N N1     . DC  B 2 9  ? -2.361  6.706   -10.344 1.00 0.29 ? 19 DC  B N1     1 
ATOM   582 C C2     . DC  B 2 9  ? -1.937  5.344   -10.440 1.00 0.26 ? 19 DC  B C2     1 
ATOM   583 O O2     . DC  B 2 9  ? -0.773  5.040   -10.746 1.00 0.26 ? 19 DC  B O2     1 
ATOM   584 N N3     . DC  B 2 9  ? -2.852  4.344   -10.183 1.00 0.25 ? 19 DC  B N3     1 
ATOM   585 C C4     . DC  B 2 9  ? -4.122  4.648   -9.857  1.00 0.27 ? 19 DC  B C4     1 
ATOM   586 N N4     . DC  B 2 9  ? -5.003  3.658   -9.612  1.00 0.29 ? 19 DC  B N4     1 
ATOM   587 C C5     . DC  B 2 9  ? -4.560  6.010   -9.752  1.00 0.29 ? 19 DC  B C5     1 
ATOM   588 C C6     . DC  B 2 9  ? -3.671  6.979   -9.996  1.00 0.30 ? 19 DC  B C6     1 
ATOM   589 H "H5'"  . DC  B 2 9  ? -1.745  10.761  -7.963  1.00 0.40 ? 19 DC  B "H5'"  1 
ATOM   590 H "H5''" . DC  B 2 9  ? -1.566  11.911  -9.344  1.00 0.47 ? 19 DC  B "H5''" 1 
ATOM   591 H "H4'"  . DC  B 2 9  ? 0.156   10.076  -9.410  1.00 0.42 ? 19 DC  B "H4'"  1 
ATOM   592 H "H3'"  . DC  B 2 9  ? -1.335  11.003  -11.553 1.00 0.49 ? 19 DC  B "H3'"  1 
ATOM   593 H "H2'"  . DC  B 2 9  ? -2.889  9.063   -11.581 1.00 0.42 ? 19 DC  B "H2'"  1 
ATOM   594 H "H2''" . DC  B 2 9  ? -1.621  8.464   -12.695 1.00 0.42 ? 19 DC  B "H2''" 1 
ATOM   595 H "H1'"  . DC  B 2 9  ? -0.363  7.444   -10.862 1.00 0.34 ? 19 DC  B "H1'"  1 
ATOM   596 H H41    . DC  B 2 9  ? -4.728  2.694   -9.673  1.00 0.30 ? 19 DC  B H41    1 
ATOM   597 H H42    . DC  B 2 9  ? -5.933  3.875   -9.365  1.00 0.31 ? 19 DC  B H42    1 
ATOM   598 H H5     . DC  B 2 9  ? -5.585  6.240   -9.478  1.00 0.31 ? 19 DC  B H5     1 
ATOM   599 H H6     . DC  B 2 9  ? -3.944  8.028   -9.927  1.00 0.34 ? 19 DC  B H6     1 
ATOM   600 P P      . DG  B 2 10 ? 0.856   10.215  -13.324 1.00 0.62 ? 20 DG  B P      1 
ATOM   601 O OP1    . DG  B 2 10 ? 2.306   10.524  -13.334 1.00 0.77 ? 20 DG  B OP1    1 
ATOM   602 O OP2    . DG  B 2 10 ? -0.059  11.211  -13.925 1.00 0.72 ? 20 DG  B OP2    1 
ATOM   603 O "O5'"  . DG  B 2 10 ? 0.627   8.788   -14.019 1.00 0.53 ? 20 DG  B "O5'"  1 
ATOM   604 C "C5'"  . DG  B 2 10 ? 1.486   7.658   -13.789 1.00 0.57 ? 20 DG  B "C5'"  1 
ATOM   605 C "C4'"  . DG  B 2 10 ? 1.038   6.413   -14.539 1.00 0.44 ? 20 DG  B "C4'"  1 
ATOM   606 O "O4'"  . DG  B 2 10 ? 0.001   5.715   -13.786 1.00 0.48 ? 20 DG  B "O4'"  1 
ATOM   607 C "C3'"  . DG  B 2 10 ? 0.400   6.732   -15.894 1.00 0.63 ? 20 DG  B "C3'"  1 
ATOM   608 O "O3'"  . DG  B 2 10 ? 1.042   6.034   -16.967 1.00 0.99 ? 20 DG  B "O3'"  1 
ATOM   609 C "C2'"  . DG  B 2 10 ? -1.028  6.182   -15.783 1.00 0.54 ? 20 DG  B "C2'"  1 
ATOM   610 C "C1'"  . DG  B 2 10 ? -0.866  5.116   -14.725 1.00 0.49 ? 20 DG  B "C1'"  1 
ATOM   611 N N9     . DG  B 2 10 ? -2.118  4.698   -14.070 1.00 0.46 ? 20 DG  B N9     1 
ATOM   612 C C8     . DG  B 2 10 ? -3.117  5.454   -13.548 1.00 0.47 ? 20 DG  B C8     1 
ATOM   613 N N7     . DG  B 2 10 ? -4.121  4.768   -13.042 1.00 0.45 ? 20 DG  B N7     1 
ATOM   614 C C5     . DG  B 2 10 ? -3.759  3.455   -13.241 1.00 0.45 ? 20 DG  B C5     1 
ATOM   615 C C6     . DG  B 2 10 ? -4.444  2.272   -12.902 1.00 0.45 ? 20 DG  B C6     1 
ATOM   616 O O6     . DG  B 2 10 ? -5.542  2.199   -12.334 1.00 0.46 ? 20 DG  B O6     1 
ATOM   617 N N1     . DG  B 2 10 ? -3.723  1.126   -13.292 1.00 0.46 ? 20 DG  B N1     1 
ATOM   618 C C2     . DG  B 2 10 ? -2.489  1.121   -13.925 1.00 0.46 ? 20 DG  B C2     1 
ATOM   619 N N2     . DG  B 2 10 ? -2.002  -0.097  -14.194 1.00 0.48 ? 20 DG  B N2     1 
ATOM   620 N N3     . DG  B 2 10 ? -1.858  2.258   -14.237 1.00 0.45 ? 20 DG  B N3     1 
ATOM   621 C C4     . DG  B 2 10 ? -2.523  3.379   -13.878 1.00 0.45 ? 20 DG  B C4     1 
ATOM   622 H "H5'"  . DG  B 2 10 ? 1.548   7.436   -12.697 1.00 0.70 ? 20 DG  B "H5'"  1 
ATOM   623 H "H5''" . DG  B 2 10 ? 2.508   7.904   -14.153 1.00 0.82 ? 20 DG  B "H5''" 1 
ATOM   624 H "H4'"  . DG  B 2 10 ? 1.931   5.761   -14.602 1.00 0.50 ? 20 DG  B "H4'"  1 
ATOM   625 H "H3'"  . DG  B 2 10 ? 0.433   7.815   -16.141 1.00 1.05 ? 20 DG  B "H3'"  1 
ATOM   626 H "HO3'" . DG  B 2 10 ? 1.745   5.517   -16.566 1.00 1.43 ? 20 DG  B "HO3'" 1 
ATOM   627 H "H2'"  . DG  B 2 10 ? -1.754  6.924   -15.439 1.00 0.81 ? 20 DG  B "H2'"  1 
ATOM   628 H "H2''" . DG  B 2 10 ? -1.435  5.804   -16.729 1.00 0.67 ? 20 DG  B "H2''" 1 
ATOM   629 H "H1'"  . DG  B 2 10 ? -0.382  4.222   -15.159 1.00 0.49 ? 20 DG  B "H1'"  1 
ATOM   630 H H8     . DG  B 2 10 ? -3.009  6.535   -13.589 1.00 0.48 ? 20 DG  B H8     1 
ATOM   631 H H1     . DG  B 2 10 ? -4.154  0.239   -13.068 1.00 0.47 ? 20 DG  B H1     1 
ATOM   632 H H21    . DG  B 2 10 ? -2.493  -0.932  -13.932 1.00 0.49 ? 20 DG  B H21    1 
ATOM   633 H H22    . DG  B 2 10 ? -1.114  -0.137  -14.641 1.00 0.48 ? 20 DG  B H22    1 
# 
